data_3PR3
#
_entry.id   3PR3
#
_cell.length_a   72.424
_cell.length_b   118.325
_cell.length_c   73.042
_cell.angle_alpha   90.000
_cell.angle_beta   117.300
_cell.angle_gamma   90.000
#
_symmetry.space_group_name_H-M   'P 1 21 1'
#
loop_
_entity.id
_entity.type
_entity.pdbx_description
1 polymer 'Glucose-6-phosphate isomerase'
2 non-polymer 6-O-phosphono-beta-D-fructofuranose
3 non-polymer 'PHOSPHATE ION'
4 water water
#
_entity_poly.entity_id   1
_entity_poly.type   'polypeptide(L)'
_entity_poly.pdbx_seq_one_letter_code
;MHHHHHHSSGRENLYFQGMNMEITNLKSYKELVTLSAEEKTKDLKDYLNDKNRSESLIKKFKNFYMDLSRQRYSEKTLNK
LVEYAEEVELKKKVEKTFMGEKVNMTENRSVLHTALRIPIEKINTHKIIIDNKNVLEDVHGVLKKIEKYSDDIRNGVIKT
CKNTKFKNVICIGIGGSYLGTEFVYEAMKYYYYNMELNKNEKDQVNNFNNNYDQDNVFNVRFLANVDPNDVNRAIQNLDQ
YDTLVIIISKTFTTAETMLNARSIKKWLSLKIKDDENLSKHMVAVSTNLKLTDEFGISRDNVFEFWDWVGGRFSVTSSVG
ILPLSIAFGYKNMRNFLNGCHDMDEHFLHADLKENIPVLLALTSFYNSHFFDYKNVAILPYFQNLLKFSAHIQQLSMESN
GKSVDRNNQPIHYNTCQVYFGEPGTNGQHSFYQLIHQGQVIPVELIGFKHSHFPIKFDKEVVSNHDELMTNFFAQADALA
IGKTYEQVKEENEKNKMSPELLTHKVFNGNRPSTLLLFDELNFYTCGLLLSLYESRIVAEGFLLNINSFDQWGVELGKVL
AKEVRNYFNDTRNQKKSDNTYNFNESTKILLNYYLSK
;
_entity_poly.pdbx_strand_id   A,B
#
loop_
_chem_comp.id
_chem_comp.type
_chem_comp.name
_chem_comp.formula
F6P D-saccharide, beta linking 6-O-phosphono-beta-D-fructofuranose 'C6 H13 O9 P'
PO4 non-polymer 'PHOSPHATE ION' 'O4 P -3'
#
# COMPACT_ATOMS: atom_id res chain seq x y z
N ASN A 20 -14.60 33.88 -10.47
CA ASN A 20 -15.58 33.31 -11.41
C ASN A 20 -14.85 32.62 -12.60
N MET A 21 -13.68 33.19 -12.98
CA MET A 21 -12.76 32.60 -13.95
C MET A 21 -11.95 31.54 -13.13
N GLU A 22 -11.50 30.49 -13.80
CA GLU A 22 -10.71 29.42 -13.18
C GLU A 22 -9.22 29.70 -13.39
N ILE A 23 -8.36 29.00 -12.63
CA ILE A 23 -6.89 29.09 -12.72
C ILE A 23 -6.42 28.79 -14.12
N THR A 24 -7.18 27.98 -14.87
CA THR A 24 -6.84 27.60 -16.24
C THR A 24 -6.88 28.78 -17.24
N ASN A 25 -7.33 29.95 -16.79
CA ASN A 25 -7.47 31.12 -17.64
C ASN A 25 -6.36 32.15 -17.44
N LEU A 26 -5.57 32.01 -16.38
CA LEU A 26 -4.44 32.90 -16.07
C LEU A 26 -3.42 32.86 -17.17
N LYS A 27 -2.85 34.03 -17.51
CA LYS A 27 -1.82 34.23 -18.55
C LYS A 27 -0.71 33.21 -18.37
N SER A 28 -0.18 33.08 -17.15
CA SER A 28 0.88 32.15 -16.77
C SER A 28 0.50 30.67 -16.96
N TYR A 29 -0.82 30.34 -16.81
CA TYR A 29 -1.30 28.98 -17.04
C TYR A 29 -1.27 28.71 -18.54
N LYS A 30 -1.74 29.67 -19.36
CA LYS A 30 -1.78 29.53 -20.82
C LYS A 30 -0.40 29.40 -21.42
N GLU A 31 0.60 30.09 -20.82
CA GLU A 31 1.99 30.02 -21.27
C GLU A 31 2.59 28.65 -21.00
N LEU A 32 2.21 28.02 -19.84
CA LEU A 32 2.68 26.67 -19.48
C LEU A 32 2.13 25.63 -20.43
N VAL A 33 0.89 25.80 -20.93
CA VAL A 33 0.29 24.93 -21.93
C VAL A 33 1.21 24.92 -23.17
N THR A 34 1.63 26.12 -23.64
CA THR A 34 2.51 26.29 -24.80
C THR A 34 3.90 25.71 -24.54
N LEU A 35 4.48 26.01 -23.37
CA LEU A 35 5.82 25.54 -23.03
C LEU A 35 5.90 24.03 -22.88
N SER A 36 4.87 23.41 -22.27
CA SER A 36 4.80 21.97 -22.09
C SER A 36 4.72 21.23 -23.45
N ALA A 37 4.04 21.82 -24.45
CA ALA A 37 3.93 21.27 -25.81
C ALA A 37 5.31 21.13 -26.44
N GLU A 38 6.19 22.13 -26.23
CA GLU A 38 7.58 22.13 -26.69
C GLU A 38 8.40 21.09 -25.90
N GLU A 39 8.18 21.00 -24.58
CA GLU A 39 8.86 20.10 -23.66
C GLU A 39 8.66 18.62 -24.01
N LYS A 40 7.46 18.28 -24.56
CA LYS A 40 7.08 16.92 -24.97
C LYS A 40 7.95 16.41 -26.11
N THR A 41 8.53 17.35 -26.90
CA THR A 41 9.42 17.09 -28.04
C THR A 41 10.90 16.91 -27.60
N LYS A 42 11.21 17.28 -26.37
CA LYS A 42 12.57 17.23 -25.80
C LYS A 42 12.81 16.00 -24.92
N ASP A 43 14.05 15.52 -24.90
CA ASP A 43 14.44 14.34 -24.15
C ASP A 43 15.20 14.67 -22.90
N LEU A 44 15.01 13.87 -21.82
CA LEU A 44 15.72 14.06 -20.56
C LEU A 44 17.17 13.74 -20.70
N LYS A 45 17.51 12.82 -21.64
CA LYS A 45 18.87 12.43 -21.97
C LYS A 45 19.70 13.68 -22.35
N ASP A 46 19.15 14.56 -23.19
CA ASP A 46 19.80 15.81 -23.63
C ASP A 46 20.03 16.78 -22.47
N TYR A 47 19.01 16.96 -21.62
CA TYR A 47 19.03 17.84 -20.44
C TYR A 47 20.03 17.37 -19.41
N LEU A 48 20.12 16.04 -19.20
CA LEU A 48 21.02 15.43 -18.20
C LEU A 48 22.51 15.46 -18.56
N ASN A 49 22.81 15.92 -19.79
CA ASN A 49 24.18 16.11 -20.27
C ASN A 49 24.58 17.59 -20.22
N ASP A 50 23.72 18.44 -19.60
CA ASP A 50 23.98 19.86 -19.33
C ASP A 50 24.31 19.99 -17.82
N LYS A 51 25.63 20.10 -17.48
CA LYS A 51 26.14 20.25 -16.12
C LYS A 51 25.52 21.45 -15.40
N ASN A 52 25.35 22.56 -16.13
CA ASN A 52 24.76 23.78 -15.59
C ASN A 52 23.32 23.61 -15.20
N ARG A 53 22.51 22.91 -16.02
CA ARG A 53 21.10 22.62 -15.70
C ARG A 53 21.02 21.74 -14.46
N SER A 54 21.90 20.73 -14.36
CA SER A 54 21.97 19.82 -13.21
C SER A 54 22.30 20.54 -11.91
N GLU A 55 23.33 21.40 -11.96
CA GLU A 55 23.78 22.19 -10.81
CA GLU A 55 23.79 22.20 -10.81
C GLU A 55 22.64 23.10 -10.32
N SER A 56 21.76 23.57 -11.25
CA SER A 56 20.65 24.44 -10.91
C SER A 56 19.45 23.69 -10.39
N LEU A 57 19.16 22.49 -10.94
CA LEU A 57 17.98 21.71 -10.56
C LEU A 57 18.18 20.81 -9.35
N ILE A 58 19.42 20.81 -8.81
CA ILE A 58 19.75 20.08 -7.59
C ILE A 58 19.79 21.13 -6.51
N LYS A 59 18.74 21.17 -5.70
CA LYS A 59 18.58 22.12 -4.61
C LYS A 59 19.15 21.52 -3.33
N LYS A 60 19.85 22.37 -2.59
CA LYS A 60 20.48 21.99 -1.33
C LYS A 60 19.74 22.59 -0.12
N PHE A 61 19.76 21.85 0.96
CA PHE A 61 19.27 22.24 2.27
C PHE A 61 20.43 21.80 3.17
N LYS A 62 20.38 22.09 4.49
CA LYS A 62 21.49 21.69 5.35
C LYS A 62 21.62 20.16 5.40
N ASN A 63 20.49 19.48 5.54
CA ASN A 63 20.42 18.04 5.73
C ASN A 63 20.15 17.20 4.47
N PHE A 64 19.87 17.83 3.32
CA PHE A 64 19.50 17.07 2.15
C PHE A 64 19.62 17.81 0.84
N TYR A 65 19.47 17.02 -0.24
CA TYR A 65 19.45 17.47 -1.62
C TYR A 65 18.11 17.05 -2.25
N MET A 66 17.52 17.95 -3.06
CA MET A 66 16.33 17.64 -3.83
C MET A 66 16.74 17.79 -5.28
N ASP A 67 16.84 16.65 -5.97
CA ASP A 67 17.23 16.60 -7.36
C ASP A 67 15.97 16.57 -8.26
N LEU A 68 15.69 17.71 -8.90
CA LEU A 68 14.54 17.94 -9.80
C LEU A 68 14.94 17.85 -11.30
N SER A 69 16.17 17.42 -11.61
CA SER A 69 16.69 17.38 -12.97
C SER A 69 16.05 16.38 -13.91
N ARG A 70 15.45 15.32 -13.38
CA ARG A 70 14.79 14.33 -14.23
C ARG A 70 13.33 14.69 -14.41
N GLN A 71 13.05 15.99 -14.56
CA GLN A 71 11.72 16.50 -14.79
C GLN A 71 11.71 17.14 -16.15
N ARG A 72 10.64 16.93 -16.90
CA ARG A 72 10.48 17.37 -18.26
C ARG A 72 10.28 18.89 -18.39
N TYR A 73 11.28 19.64 -17.94
CA TYR A 73 11.30 21.09 -18.05
C TYR A 73 12.71 21.64 -18.12
N SER A 74 12.82 22.72 -18.85
CA SER A 74 14.03 23.51 -18.94
C SER A 74 13.91 24.49 -17.75
N GLU A 75 15.03 25.10 -17.35
CA GLU A 75 15.04 26.09 -16.29
C GLU A 75 14.09 27.26 -16.62
N LYS A 76 13.88 27.56 -17.92
CA LYS A 76 12.96 28.62 -18.31
C LYS A 76 11.52 28.25 -18.03
N THR A 77 11.14 26.96 -18.23
CA THR A 77 9.80 26.46 -17.94
C THR A 77 9.58 26.45 -16.44
N LEU A 78 10.58 26.03 -15.66
CA LEU A 78 10.49 26.06 -14.19
C LEU A 78 10.26 27.50 -13.72
N ASN A 79 10.96 28.49 -14.32
CA ASN A 79 10.78 29.91 -14.02
C ASN A 79 9.34 30.37 -14.34
N LYS A 80 8.73 29.78 -15.39
CA LYS A 80 7.33 30.07 -15.73
C LYS A 80 6.36 29.44 -14.71
N LEU A 81 6.73 28.29 -14.12
CA LEU A 81 5.94 27.64 -13.08
C LEU A 81 5.99 28.54 -11.84
N VAL A 82 7.18 29.11 -11.55
CA VAL A 82 7.37 30.06 -10.44
C VAL A 82 6.48 31.32 -10.71
N GLU A 83 6.38 31.76 -11.98
CA GLU A 83 5.54 32.91 -12.37
C GLU A 83 4.05 32.61 -12.17
N TYR A 84 3.64 31.33 -12.35
CA TYR A 84 2.25 30.89 -12.13
C TYR A 84 1.95 30.95 -10.64
N ALA A 85 2.90 30.50 -9.79
CA ALA A 85 2.77 30.54 -8.32
C ALA A 85 2.57 31.99 -7.81
N GLU A 86 3.25 32.98 -8.46
CA GLU A 86 3.13 34.41 -8.12
C GLU A 86 1.75 34.93 -8.51
N GLU A 87 1.28 34.54 -9.70
CA GLU A 87 -0.03 34.95 -10.20
C GLU A 87 -1.18 34.40 -9.36
N VAL A 88 -1.02 33.19 -8.77
CA VAL A 88 -2.06 32.66 -7.90
C VAL A 88 -1.92 33.20 -6.48
N GLU A 89 -0.89 34.05 -6.23
CA GLU A 89 -0.62 34.67 -4.93
C GLU A 89 -0.35 33.60 -3.87
N LEU A 90 0.49 32.62 -4.22
CA LEU A 90 0.85 31.51 -3.35
C LEU A 90 1.45 31.96 -2.02
N LYS A 91 2.39 32.94 -2.05
CA LYS A 91 3.05 33.46 -0.84
CA LYS A 91 3.06 33.47 -0.85
C LYS A 91 2.03 34.05 0.12
N LYS A 92 1.13 34.92 -0.40
CA LYS A 92 0.07 35.57 0.39
C LYS A 92 -0.81 34.51 1.05
N LYS A 93 -1.21 33.49 0.26
CA LYS A 93 -2.10 32.42 0.72
C LYS A 93 -1.49 31.54 1.80
N VAL A 94 -0.22 31.18 1.64
CA VAL A 94 0.53 30.41 2.63
C VAL A 94 0.66 31.24 3.93
N GLU A 95 0.97 32.56 3.79
CA GLU A 95 1.10 33.49 4.92
CA GLU A 95 1.10 33.50 4.91
C GLU A 95 -0.21 33.57 5.70
N LYS A 96 -1.35 33.71 5.00
CA LYS A 96 -2.69 33.75 5.62
C LYS A 96 -2.93 32.49 6.46
N THR A 97 -2.53 31.32 5.94
CA THR A 97 -2.66 30.04 6.61
C THR A 97 -1.86 30.05 7.94
N PHE A 98 -0.57 30.45 7.88
CA PHE A 98 0.32 30.51 9.05
C PHE A 98 -0.15 31.53 10.10
N MET A 99 -0.75 32.66 9.64
CA MET A 99 -1.25 33.75 10.49
CA MET A 99 -1.23 33.73 10.51
C MET A 99 -2.49 33.35 11.29
N GLY A 100 -3.16 32.28 10.88
CA GLY A 100 -4.36 31.79 11.54
C GLY A 100 -5.67 32.28 10.93
N GLU A 101 -5.60 32.76 9.67
CA GLU A 101 -6.78 33.22 8.94
C GLU A 101 -7.65 32.04 8.56
N LYS A 102 -8.97 32.26 8.49
CA LYS A 102 -9.94 31.22 8.16
C LYS A 102 -9.90 30.80 6.68
N VAL A 103 -8.82 30.12 6.29
CA VAL A 103 -8.54 29.65 4.92
C VAL A 103 -9.29 28.39 4.55
N ASN A 104 -9.83 27.67 5.56
CA ASN A 104 -10.68 26.49 5.31
C ASN A 104 -12.07 27.13 5.20
N MET A 105 -12.33 27.66 4.01
CA MET A 105 -13.52 28.43 3.62
C MET A 105 -14.85 27.72 3.68
N THR A 106 -14.89 26.39 3.47
CA THR A 106 -16.17 25.65 3.53
C THR A 106 -16.62 25.32 4.96
N GLU A 107 -15.67 25.34 5.91
CA GLU A 107 -15.97 25.07 7.32
C GLU A 107 -15.74 26.31 8.18
N ASN A 108 -15.32 27.41 7.55
CA ASN A 108 -15.00 28.68 8.20
C ASN A 108 -14.08 28.45 9.40
N ARG A 109 -12.91 27.90 9.12
CA ARG A 109 -11.98 27.44 10.13
C ARG A 109 -10.55 27.82 9.80
N SER A 110 -9.72 27.96 10.83
CA SER A 110 -8.29 28.21 10.67
C SER A 110 -7.58 26.86 10.38
N VAL A 111 -6.36 26.92 9.83
CA VAL A 111 -5.52 25.77 9.50
C VAL A 111 -4.22 26.06 10.23
N LEU A 112 -4.08 25.51 11.44
CA LEU A 112 -2.94 25.82 12.30
C LEU A 112 -2.10 24.67 12.83
N HIS A 113 -1.90 23.63 12.02
CA HIS A 113 -1.02 22.49 12.38
C HIS A 113 0.43 23.00 12.56
N THR A 114 0.80 24.09 11.88
CA THR A 114 2.14 24.68 12.01
C THR A 114 2.39 25.25 13.43
N ALA A 115 1.31 25.66 14.14
CA ALA A 115 1.37 26.20 15.51
C ALA A 115 1.84 25.12 16.49
N LEU A 116 1.45 23.85 16.24
CA LEU A 116 1.78 22.67 17.06
C LEU A 116 3.27 22.46 17.30
N ARG A 117 4.11 22.93 16.38
CA ARG A 117 5.55 22.75 16.46
C ARG A 117 6.38 24.00 16.68
N ILE A 118 5.74 25.14 17.05
CA ILE A 118 6.44 26.37 17.39
C ILE A 118 7.09 26.16 18.77
N PRO A 119 8.42 26.32 18.93
CA PRO A 119 9.05 26.05 20.24
C PRO A 119 8.66 27.01 21.36
N ILE A 120 8.81 26.58 22.63
CA ILE A 120 8.46 27.38 23.80
C ILE A 120 9.11 28.78 23.84
N GLU A 121 10.37 28.93 23.39
CA GLU A 121 11.03 30.25 23.36
C GLU A 121 10.31 31.24 22.45
N LYS A 122 9.52 30.73 21.47
CA LYS A 122 8.80 31.57 20.52
C LYS A 122 7.30 31.73 20.90
N ILE A 123 6.87 31.22 22.08
CA ILE A 123 5.46 31.26 22.55
C ILE A 123 4.83 32.65 22.44
N ASN A 124 5.63 33.69 22.76
CA ASN A 124 5.19 35.08 22.72
C ASN A 124 5.55 35.79 21.42
N THR A 125 6.78 35.62 20.90
CA THR A 125 7.21 36.28 19.66
C THR A 125 6.39 35.84 18.45
N HIS A 126 6.04 34.52 18.40
CA HIS A 126 5.29 33.90 17.32
C HIS A 126 3.84 33.61 17.69
N LYS A 127 3.33 34.33 18.70
CA LYS A 127 1.95 34.22 19.18
C LYS A 127 0.91 34.30 18.05
N ILE A 128 -0.15 33.49 18.16
CA ILE A 128 -1.27 33.44 17.21
C ILE A 128 -2.55 33.58 18.03
N ILE A 129 -3.28 34.69 17.83
CA ILE A 129 -4.50 35.00 18.56
C ILE A 129 -5.76 34.50 17.87
N ILE A 130 -6.49 33.61 18.54
CA ILE A 130 -7.77 33.04 18.11
C ILE A 130 -8.68 33.19 19.33
N ASP A 131 -9.78 33.99 19.20
CA ASP A 131 -10.76 34.30 20.25
C ASP A 131 -10.10 34.90 21.51
N ASN A 132 -9.31 35.97 21.32
CA ASN A 132 -8.57 36.68 22.37
C ASN A 132 -7.63 35.81 23.21
N LYS A 133 -7.10 34.72 22.61
CA LYS A 133 -6.18 33.81 23.31
C LYS A 133 -5.05 33.35 22.41
N ASN A 134 -3.82 33.39 22.95
CA ASN A 134 -2.65 32.90 22.25
C ASN A 134 -2.78 31.38 22.25
N VAL A 135 -3.03 30.80 21.06
CA VAL A 135 -3.18 29.34 20.89
C VAL A 135 -1.95 28.55 21.33
N LEU A 136 -0.75 29.18 21.24
CA LEU A 136 0.51 28.57 21.63
C LEU A 136 0.57 28.19 23.11
N GLU A 137 -0.23 28.86 23.93
CA GLU A 137 -0.35 28.58 25.37
C GLU A 137 -1.07 27.25 25.58
N ASP A 138 -2.06 26.94 24.71
CA ASP A 138 -2.81 25.68 24.75
C ASP A 138 -1.93 24.56 24.24
N VAL A 139 -1.16 24.84 23.18
CA VAL A 139 -0.21 23.94 22.53
C VAL A 139 0.79 23.44 23.56
N HIS A 140 1.52 24.39 24.20
CA HIS A 140 2.53 24.09 25.20
C HIS A 140 2.02 23.52 26.51
N GLY A 141 0.76 23.85 26.85
CA GLY A 141 0.08 23.30 28.01
C GLY A 141 -0.07 21.80 27.85
N VAL A 142 -0.55 21.36 26.66
CA VAL A 142 -0.71 19.95 26.32
C VAL A 142 0.64 19.26 26.16
N LEU A 143 1.64 19.92 25.52
CA LEU A 143 2.98 19.33 25.35
C LEU A 143 3.68 19.06 26.68
N LYS A 144 3.54 20.01 27.64
CA LYS A 144 4.11 19.87 28.98
C LYS A 144 3.44 18.73 29.71
N LYS A 145 2.11 18.58 29.49
CA LYS A 145 1.29 17.51 30.04
C LYS A 145 1.77 16.15 29.49
N ILE A 146 1.99 16.05 28.15
CA ILE A 146 2.50 14.84 27.46
C ILE A 146 3.90 14.49 28.03
N GLU A 147 4.78 15.50 28.11
CA GLU A 147 6.13 15.32 28.63
C GLU A 147 6.14 14.67 30.02
N LYS A 148 5.31 15.20 30.96
CA LYS A 148 5.21 14.67 32.32
C LYS A 148 4.63 13.27 32.33
N TYR A 149 3.51 13.06 31.62
CA TYR A 149 2.83 11.77 31.55
C TYR A 149 3.74 10.70 30.96
N SER A 150 4.36 10.97 29.78
CA SER A 150 5.27 10.02 29.13
C SER A 150 6.51 9.71 29.98
N ASP A 151 7.03 10.70 30.71
CA ASP A 151 8.17 10.49 31.60
C ASP A 151 7.76 9.58 32.75
N ASP A 152 6.53 9.77 33.27
CA ASP A 152 5.99 8.96 34.38
C ASP A 152 5.73 7.53 34.01
N ILE A 153 5.26 7.27 32.77
CA ILE A 153 5.04 5.92 32.27
C ILE A 153 6.44 5.25 32.10
N ARG A 154 7.40 5.96 31.49
CA ARG A 154 8.75 5.48 31.23
C ARG A 154 9.63 5.33 32.47
N ASN A 155 9.35 6.10 33.55
CA ASN A 155 10.09 5.96 34.81
C ASN A 155 9.35 5.04 35.78
N GLY A 156 8.14 4.64 35.44
CA GLY A 156 7.32 3.79 36.28
C GLY A 156 6.71 4.51 37.46
N VAL A 157 6.47 5.83 37.32
CA VAL A 157 5.84 6.67 38.33
C VAL A 157 4.32 6.43 38.19
N ILE A 158 3.83 6.41 36.94
CA ILE A 158 2.44 6.06 36.64
C ILE A 158 2.49 4.59 36.30
N LYS A 159 1.85 3.78 37.15
CA LYS A 159 1.87 2.33 37.06
C LYS A 159 0.52 1.73 36.66
N THR A 160 0.50 0.40 36.44
CA THR A 160 -0.70 -0.39 36.11
C THR A 160 -1.56 -0.59 37.38
N CYS A 161 -2.71 -1.27 37.23
CA CYS A 161 -3.60 -1.59 38.34
C CYS A 161 -2.94 -2.61 39.30
N LYS A 162 -1.91 -3.35 38.81
CA LYS A 162 -1.11 -4.33 39.55
C LYS A 162 0.24 -3.72 40.01
N ASN A 163 0.34 -2.37 39.96
CA ASN A 163 1.50 -1.56 40.36
C ASN A 163 2.82 -1.97 39.70
N THR A 164 2.77 -2.20 38.38
CA THR A 164 3.94 -2.52 37.56
C THR A 164 4.06 -1.47 36.45
N LYS A 165 5.16 -1.51 35.71
CA LYS A 165 5.42 -0.62 34.58
C LYS A 165 4.64 -1.14 33.35
N PHE A 166 3.91 -0.24 32.65
CA PHE A 166 3.18 -0.60 31.43
C PHE A 166 4.17 -1.08 30.38
N LYS A 167 3.77 -2.13 29.63
CA LYS A 167 4.58 -2.73 28.57
CA LYS A 167 4.57 -2.75 28.57
C LYS A 167 3.91 -2.58 27.20
N ASN A 168 2.57 -2.54 27.16
CA ASN A 168 1.82 -2.42 25.90
C ASN A 168 1.04 -1.14 25.77
N VAL A 169 0.91 -0.67 24.52
CA VAL A 169 0.14 0.52 24.16
C VAL A 169 -0.74 0.19 22.95
N ILE A 170 -2.07 0.18 23.13
CA ILE A 170 -3.03 -0.03 22.05
C ILE A 170 -3.57 1.35 21.68
N CYS A 171 -3.28 1.79 20.45
CA CYS A 171 -3.76 3.05 19.91
C CYS A 171 -4.98 2.74 19.09
N ILE A 172 -6.15 3.27 19.52
CA ILE A 172 -7.42 3.08 18.82
C ILE A 172 -7.74 4.37 18.04
N GLY A 173 -7.69 4.26 16.72
CA GLY A 173 -7.92 5.37 15.82
C GLY A 173 -7.81 4.99 14.37
N ILE A 174 -8.51 5.71 13.50
CA ILE A 174 -8.54 5.44 12.07
C ILE A 174 -8.15 6.70 11.32
N GLY A 175 -7.72 6.57 10.06
CA GLY A 175 -7.29 7.70 9.24
C GLY A 175 -6.22 8.57 9.89
N GLY A 176 -6.49 9.87 9.92
CA GLY A 176 -5.57 10.88 10.49
C GLY A 176 -5.16 10.63 11.93
N SER A 177 -5.96 9.83 12.66
CA SER A 177 -5.73 9.50 14.05
C SER A 177 -4.73 8.37 14.28
N TYR A 178 -4.15 7.81 13.20
CA TYR A 178 -3.10 6.79 13.31
C TYR A 178 -2.03 6.76 12.19
N LEU A 179 -2.38 7.19 10.96
CA LEU A 179 -1.50 7.12 9.80
C LEU A 179 -0.19 7.87 9.94
N GLY A 180 -0.23 9.12 10.40
CA GLY A 180 0.97 9.90 10.65
C GLY A 180 1.81 9.25 11.73
N THR A 181 1.15 8.87 12.85
CA THR A 181 1.75 8.21 14.01
C THR A 181 2.50 6.93 13.65
N GLU A 182 1.83 6.03 12.90
CA GLU A 182 2.44 4.76 12.54
C GLU A 182 3.61 4.96 11.56
N PHE A 183 3.53 6.00 10.70
CA PHE A 183 4.62 6.31 9.79
C PHE A 183 5.86 6.63 10.62
N VAL A 184 5.75 7.63 11.54
CA VAL A 184 6.82 8.08 12.43
C VAL A 184 7.27 6.91 13.33
N TYR A 185 6.32 6.17 13.92
CA TYR A 185 6.65 5.02 14.78
C TYR A 185 7.57 4.03 14.07
N GLU A 186 7.13 3.51 12.90
CA GLU A 186 7.88 2.55 12.11
C GLU A 186 9.21 3.06 11.59
N ALA A 187 9.25 4.35 11.21
CA ALA A 187 10.43 5.01 10.71
C ALA A 187 11.50 5.15 11.78
N MET A 188 11.08 5.46 13.01
CA MET A 188 11.95 5.80 14.10
C MET A 188 12.27 4.74 15.10
N LYS A 189 11.42 3.71 15.23
CA LYS A 189 11.63 2.67 16.22
C LYS A 189 13.04 2.07 16.27
N TYR A 190 13.59 1.66 15.12
CA TYR A 190 14.94 1.08 15.05
C TYR A 190 16.04 2.07 15.28
N TYR A 191 15.84 3.36 14.95
CA TYR A 191 16.85 4.38 15.24
C TYR A 191 16.93 4.50 16.77
N TYR A 192 15.77 4.46 17.44
CA TYR A 192 15.64 4.56 18.88
C TYR A 192 16.24 3.33 19.55
N TYR A 193 15.88 2.11 19.06
CA TYR A 193 16.40 0.87 19.63
C TYR A 193 17.90 0.76 19.45
N ASN A 194 18.40 1.05 18.23
CA ASN A 194 19.79 0.90 17.82
C ASN A 194 20.76 1.96 18.31
N MET A 195 20.54 3.24 17.92
CA MET A 195 21.43 4.35 18.27
C MET A 195 21.28 4.79 19.70
N GLU A 196 20.06 4.73 20.25
CA GLU A 196 19.83 5.15 21.62
C GLU A 196 19.93 4.06 22.68
N LEU A 197 19.01 3.10 22.69
CA LEU A 197 19.03 2.01 23.68
C LEU A 197 20.25 1.10 23.59
N ASN A 198 20.70 0.79 22.36
CA ASN A 198 21.85 -0.10 22.16
C ASN A 198 23.17 0.63 21.93
N LYS A 199 23.14 1.99 21.95
CA LYS A 199 24.29 2.89 21.82
C LYS A 199 25.17 2.65 20.60
N ASN A 200 24.60 2.22 19.47
CA ASN A 200 25.36 2.01 18.21
C ASN A 200 25.82 3.38 17.68
N GLU A 201 27.06 3.50 17.22
CA GLU A 201 27.48 4.80 16.69
C GLU A 201 27.15 4.78 15.20
N LYS A 202 27.10 5.96 14.53
CA LYS A 202 26.79 5.99 13.09
C LYS A 202 27.88 5.21 12.33
N ASP A 203 27.45 4.38 11.38
CA ASP A 203 28.32 3.52 10.56
C ASP A 203 29.04 2.40 11.29
N GLN A 204 28.62 2.08 12.55
CA GLN A 204 29.13 0.94 13.33
C GLN A 204 28.37 -0.26 12.72
N VAL A 205 29.11 -1.17 12.03
CA VAL A 205 28.52 -2.29 11.31
C VAL A 205 28.20 -3.54 12.12
N ASN A 206 27.27 -4.38 11.60
CA ASN A 206 26.90 -5.71 12.10
C ASN A 206 26.55 -5.78 13.60
N ASN A 207 25.62 -4.91 14.04
CA ASN A 207 25.16 -4.83 15.41
C ASN A 207 24.20 -5.96 15.80
N PHE A 208 24.60 -7.20 15.49
CA PHE A 208 23.81 -8.42 15.71
C PHE A 208 23.58 -8.77 17.19
N ASN A 209 24.38 -8.20 18.11
CA ASN A 209 24.22 -8.44 19.54
C ASN A 209 23.22 -7.49 20.21
N ASN A 210 22.60 -6.56 19.44
CA ASN A 210 21.61 -5.60 19.94
C ASN A 210 20.46 -6.29 20.66
N ASN A 211 20.03 -5.71 21.79
CA ASN A 211 18.96 -6.26 22.60
C ASN A 211 17.69 -5.46 22.33
N TYR A 212 16.59 -6.18 22.07
CA TYR A 212 15.29 -5.58 21.75
C TYR A 212 14.23 -5.92 22.77
N ASP A 213 14.58 -6.77 23.75
CA ASP A 213 13.70 -7.14 24.84
C ASP A 213 14.31 -6.51 26.10
N GLN A 214 13.94 -5.25 26.32
CA GLN A 214 14.46 -4.48 27.44
C GLN A 214 13.52 -3.37 27.86
N ASP A 215 13.95 -2.60 28.87
CA ASP A 215 13.22 -1.47 29.43
C ASP A 215 13.05 -0.39 28.40
N ASN A 216 11.87 0.22 28.39
CA ASN A 216 11.54 1.30 27.46
C ASN A 216 11.36 0.88 25.98
N VAL A 217 11.18 -0.44 25.78
CA VAL A 217 10.83 -1.00 24.48
C VAL A 217 9.37 -1.33 24.70
N PHE A 218 8.46 -0.53 24.13
CA PHE A 218 7.03 -0.73 24.30
C PHE A 218 6.40 -1.48 23.14
N ASN A 219 5.45 -2.39 23.44
CA ASN A 219 4.74 -3.12 22.40
CA ASN A 219 4.75 -3.13 22.39
C ASN A 219 3.56 -2.28 21.93
N VAL A 220 3.77 -1.49 20.86
CA VAL A 220 2.79 -0.57 20.30
C VAL A 220 1.96 -1.23 19.21
N ARG A 221 0.63 -1.16 19.35
CA ARG A 221 -0.32 -1.76 18.40
C ARG A 221 -1.29 -0.71 17.88
N PHE A 222 -1.64 -0.82 16.59
CA PHE A 222 -2.60 0.11 16.00
C PHE A 222 -3.89 -0.60 15.65
N LEU A 223 -4.96 -0.25 16.39
CA LEU A 223 -6.30 -0.77 16.15
C LEU A 223 -7.07 0.27 15.36
N ALA A 224 -7.16 0.06 14.05
CA ALA A 224 -7.80 1.02 13.17
C ALA A 224 -9.14 0.54 12.63
N ASN A 225 -9.16 -0.62 11.96
CA ASN A 225 -10.37 -1.19 11.36
C ASN A 225 -11.43 -1.57 12.40
N VAL A 226 -12.70 -1.45 12.03
CA VAL A 226 -13.85 -1.89 12.87
C VAL A 226 -14.00 -3.43 12.72
N ASP A 227 -13.31 -4.00 11.72
CA ASP A 227 -13.34 -5.45 11.49
C ASP A 227 -12.82 -6.10 12.78
N PRO A 228 -13.61 -6.97 13.46
CA PRO A 228 -13.11 -7.61 14.70
C PRO A 228 -11.78 -8.36 14.53
N ASN A 229 -11.36 -8.67 13.29
CA ASN A 229 -10.05 -9.29 12.97
C ASN A 229 -8.92 -8.34 13.40
N ASP A 230 -9.17 -7.02 13.37
CA ASP A 230 -8.20 -6.03 13.79
C ASP A 230 -8.09 -5.98 15.30
N VAL A 231 -9.20 -6.23 16.02
CA VAL A 231 -9.21 -6.34 17.49
C VAL A 231 -8.38 -7.57 17.87
N ASN A 232 -8.56 -8.70 17.13
CA ASN A 232 -7.82 -9.95 17.31
C ASN A 232 -6.30 -9.70 17.21
N ARG A 233 -5.86 -8.91 16.21
CA ARG A 233 -4.45 -8.56 15.98
C ARG A 233 -3.90 -7.67 17.10
N ALA A 234 -4.73 -6.69 17.55
CA ALA A 234 -4.39 -5.74 18.60
C ALA A 234 -4.16 -6.41 19.95
N ILE A 235 -5.04 -7.37 20.33
CA ILE A 235 -5.00 -8.08 21.63
C ILE A 235 -4.16 -9.35 21.71
N GLN A 236 -3.68 -9.85 20.56
CA GLN A 236 -2.88 -11.09 20.51
C GLN A 236 -1.69 -11.07 21.48
N ASN A 237 -1.62 -12.09 22.36
CA ASN A 237 -0.55 -12.30 23.36
C ASN A 237 -0.45 -11.22 24.42
N LEU A 238 -1.47 -10.34 24.49
CA LEU A 238 -1.49 -9.20 25.39
C LEU A 238 -2.25 -9.44 26.67
N ASP A 239 -1.65 -8.99 27.78
CA ASP A 239 -2.26 -9.05 29.10
C ASP A 239 -2.79 -7.65 29.41
N GLN A 240 -4.11 -7.56 29.72
CA GLN A 240 -4.81 -6.33 30.10
C GLN A 240 -4.03 -5.58 31.15
N TYR A 241 -3.48 -6.31 32.15
CA TYR A 241 -2.71 -5.76 33.27
C TYR A 241 -1.46 -4.96 32.87
N ASP A 242 -0.88 -5.23 31.68
CA ASP A 242 0.31 -4.56 31.19
C ASP A 242 0.00 -3.52 30.12
N THR A 243 -1.26 -3.41 29.72
CA THR A 243 -1.73 -2.62 28.58
C THR A 243 -2.31 -1.26 28.89
N LEU A 244 -1.81 -0.23 28.21
CA LEU A 244 -2.33 1.13 28.25
C LEU A 244 -3.12 1.33 26.94
N VAL A 245 -4.32 1.87 27.03
CA VAL A 245 -5.20 2.07 25.88
C VAL A 245 -5.38 3.54 25.62
N ILE A 246 -5.00 3.98 24.41
CA ILE A 246 -5.12 5.37 23.95
C ILE A 246 -6.21 5.42 22.89
N ILE A 247 -7.32 6.10 23.19
CA ILE A 247 -8.42 6.28 22.24
C ILE A 247 -8.20 7.61 21.54
N ILE A 248 -7.96 7.57 20.20
CA ILE A 248 -7.63 8.76 19.39
C ILE A 248 -8.70 9.03 18.34
N SER A 249 -9.40 10.18 18.50
CA SER A 249 -10.47 10.58 17.60
C SER A 249 -10.75 12.10 17.72
N LYS A 250 -10.56 12.87 16.63
CA LYS A 250 -10.82 14.32 16.61
C LYS A 250 -12.25 14.66 17.11
N THR A 251 -13.24 13.95 16.56
CA THR A 251 -14.66 14.08 16.83
C THR A 251 -15.10 13.30 18.06
N PHE A 252 -14.59 12.05 18.23
CA PHE A 252 -14.96 11.09 19.29
C PHE A 252 -16.35 10.49 19.00
N THR A 253 -16.74 10.50 17.71
CA THR A 253 -18.01 9.96 17.23
C THR A 253 -17.84 8.87 16.15
N THR A 254 -16.66 8.83 15.49
CA THR A 254 -16.36 7.89 14.39
C THR A 254 -16.83 6.49 14.74
N ALA A 255 -17.76 5.95 13.93
CA ALA A 255 -18.39 4.62 14.11
C ALA A 255 -17.39 3.52 14.47
N GLU A 256 -16.28 3.42 13.71
CA GLU A 256 -15.22 2.42 13.88
C GLU A 256 -14.39 2.56 15.16
N THR A 257 -13.87 3.77 15.42
CA THR A 257 -13.04 4.05 16.60
C THR A 257 -13.83 3.83 17.87
N MET A 258 -15.07 4.28 17.89
CA MET A 258 -15.93 4.17 19.06
C MET A 258 -16.38 2.74 19.35
N LEU A 259 -16.69 1.94 18.31
CA LEU A 259 -17.03 0.54 18.54
C LEU A 259 -15.81 -0.21 19.08
N ASN A 260 -14.62 0.11 18.56
CA ASN A 260 -13.36 -0.47 19.03
C ASN A 260 -13.03 0.01 20.43
N ALA A 261 -13.26 1.32 20.74
CA ALA A 261 -13.02 1.88 22.10
C ALA A 261 -13.88 1.15 23.14
N ARG A 262 -15.17 0.88 22.80
CA ARG A 262 -16.09 0.15 23.69
C ARG A 262 -15.68 -1.30 23.82
N SER A 263 -15.21 -1.92 22.71
CA SER A 263 -14.80 -3.32 22.67
C SER A 263 -13.58 -3.60 23.51
N ILE A 264 -12.60 -2.69 23.49
CA ILE A 264 -11.36 -2.81 24.24
C ILE A 264 -11.57 -2.56 25.73
N LYS A 265 -12.51 -1.66 26.08
CA LYS A 265 -12.86 -1.37 27.47
C LYS A 265 -13.43 -2.64 28.10
N LYS A 266 -14.36 -3.30 27.36
CA LYS A 266 -14.97 -4.56 27.79
C LYS A 266 -13.88 -5.63 27.91
N TRP A 267 -12.91 -5.64 26.96
CA TRP A 267 -11.77 -6.56 27.00
C TRP A 267 -10.93 -6.31 28.23
N LEU A 268 -10.66 -5.04 28.57
CA LEU A 268 -9.89 -4.66 29.77
C LEU A 268 -10.64 -5.12 31.03
N SER A 269 -11.97 -4.89 31.05
CA SER A 269 -12.91 -5.25 32.10
C SER A 269 -12.98 -6.75 32.39
N LEU A 270 -12.52 -7.62 31.46
CA LEU A 270 -12.48 -9.06 31.68
C LEU A 270 -11.55 -9.42 32.83
N LYS A 271 -10.49 -8.61 33.08
CA LYS A 271 -9.54 -8.83 34.15
C LYS A 271 -9.56 -7.72 35.20
N ILE A 272 -9.64 -6.44 34.76
CA ILE A 272 -9.67 -5.25 35.61
C ILE A 272 -11.12 -5.03 36.04
N LYS A 273 -11.40 -5.28 37.35
CA LYS A 273 -12.75 -5.20 37.91
C LYS A 273 -13.19 -3.93 38.61
N ASP A 274 -12.25 -3.11 39.13
CA ASP A 274 -12.57 -1.84 39.78
C ASP A 274 -12.39 -0.66 38.79
N ASP A 275 -13.41 0.24 38.71
CA ASP A 275 -13.42 1.42 37.83
C ASP A 275 -12.22 2.36 37.99
N GLU A 276 -11.71 2.51 39.22
CA GLU A 276 -10.55 3.35 39.50
C GLU A 276 -9.29 2.77 38.84
N ASN A 277 -9.16 1.42 38.87
CA ASN A 277 -8.04 0.69 38.28
C ASN A 277 -8.14 0.68 36.74
N LEU A 278 -9.38 0.62 36.22
CA LEU A 278 -9.72 0.64 34.80
C LEU A 278 -9.36 2.00 34.22
N SER A 279 -9.54 3.06 35.02
CA SER A 279 -9.25 4.44 34.65
C SER A 279 -7.76 4.63 34.40
N LYS A 280 -6.91 3.91 35.14
CA LYS A 280 -5.43 3.91 35.01
C LYS A 280 -4.99 3.36 33.65
N HIS A 281 -5.79 2.46 33.02
CA HIS A 281 -5.45 1.82 31.76
C HIS A 281 -6.03 2.49 30.49
N MET A 282 -6.74 3.62 30.65
CA MET A 282 -7.38 4.30 29.53
C MET A 282 -7.10 5.77 29.52
N VAL A 283 -6.65 6.26 28.34
CA VAL A 283 -6.37 7.65 28.05
C VAL A 283 -7.03 7.98 26.70
N ALA A 284 -7.26 9.26 26.45
CA ALA A 284 -7.90 9.69 25.21
C ALA A 284 -7.23 10.92 24.62
N VAL A 285 -7.38 11.07 23.31
CA VAL A 285 -6.91 12.21 22.52
C VAL A 285 -8.11 12.63 21.65
N SER A 286 -8.60 13.86 21.83
CA SER A 286 -9.75 14.38 21.11
C SER A 286 -9.82 15.92 21.13
N THR A 287 -10.82 16.51 20.44
CA THR A 287 -11.10 17.95 20.51
C THR A 287 -12.40 18.06 21.36
N ASN A 288 -13.07 16.90 21.62
CA ASN A 288 -14.36 16.80 22.33
C ASN A 288 -14.34 16.38 23.81
N LEU A 289 -14.24 17.37 24.72
CA LEU A 289 -14.20 17.15 26.16
C LEU A 289 -15.45 16.49 26.73
N LYS A 290 -16.63 16.80 26.16
CA LYS A 290 -17.92 16.24 26.57
C LYS A 290 -17.97 14.74 26.35
N LEU A 291 -17.68 14.29 25.11
CA LEU A 291 -17.68 12.90 24.72
C LEU A 291 -16.61 12.04 25.38
N THR A 292 -15.46 12.65 25.76
CA THR A 292 -14.40 11.93 26.49
C THR A 292 -14.90 11.62 27.91
N ASP A 293 -15.53 12.61 28.60
CA ASP A 293 -16.11 12.44 29.95
CA ASP A 293 -16.04 12.38 29.95
C ASP A 293 -17.22 11.42 29.95
N GLU A 294 -18.10 11.52 28.92
CA GLU A 294 -19.25 10.62 28.72
C GLU A 294 -18.73 9.17 28.53
N PHE A 295 -17.51 9.01 27.96
CA PHE A 295 -16.86 7.70 27.79
C PHE A 295 -16.32 7.20 29.14
N GLY A 296 -15.97 8.13 30.02
CA GLY A 296 -15.45 7.76 31.32
C GLY A 296 -13.97 7.97 31.46
N ILE A 297 -13.36 8.77 30.57
CA ILE A 297 -11.94 9.05 30.69
C ILE A 297 -11.76 10.24 31.64
N SER A 298 -10.84 10.08 32.62
CA SER A 298 -10.49 11.11 33.60
C SER A 298 -9.91 12.37 32.91
N ARG A 299 -10.13 13.58 33.50
CA ARG A 299 -9.62 14.86 32.97
CA ARG A 299 -9.62 14.86 32.97
C ARG A 299 -8.11 14.88 32.78
N ASP A 300 -7.38 14.24 33.72
CA ASP A 300 -5.94 14.11 33.68
C ASP A 300 -5.49 13.16 32.57
N ASN A 301 -6.41 12.31 32.08
CA ASN A 301 -6.17 11.30 31.05
C ASN A 301 -6.62 11.73 29.63
N VAL A 302 -7.02 12.99 29.46
CA VAL A 302 -7.39 13.54 28.17
C VAL A 302 -6.39 14.59 27.72
N PHE A 303 -5.76 14.35 26.54
CA PHE A 303 -4.68 15.15 25.94
C PHE A 303 -5.26 15.76 24.68
N GLU A 304 -5.95 16.87 24.85
CA GLU A 304 -6.68 17.51 23.78
C GLU A 304 -5.85 18.07 22.65
N PHE A 305 -6.52 18.30 21.52
CA PHE A 305 -6.05 19.02 20.36
C PHE A 305 -7.19 19.94 19.91
N TRP A 306 -7.01 20.67 18.81
CA TRP A 306 -7.98 21.68 18.43
C TRP A 306 -8.55 21.54 17.03
N ASP A 307 -9.74 22.13 16.80
CA ASP A 307 -10.47 22.08 15.53
C ASP A 307 -9.67 22.54 14.32
N TRP A 308 -8.70 23.48 14.53
CA TRP A 308 -7.85 24.01 13.49
C TRP A 308 -6.67 23.09 13.10
N VAL A 309 -6.68 21.85 13.65
CA VAL A 309 -5.73 20.78 13.39
C VAL A 309 -6.50 19.74 12.56
N GLY A 310 -6.24 19.65 11.26
CA GLY A 310 -6.89 18.64 10.42
C GLY A 310 -6.31 17.29 10.76
N GLY A 311 -7.14 16.25 10.74
CA GLY A 311 -6.73 14.88 11.05
C GLY A 311 -5.45 14.44 10.35
N ARG A 312 -5.36 14.66 9.03
CA ARG A 312 -4.20 14.30 8.19
C ARG A 312 -2.98 15.24 8.41
N PHE A 313 -3.14 16.24 9.30
CA PHE A 313 -2.10 17.18 9.69
C PHE A 313 -1.93 17.12 11.23
N SER A 314 -2.42 16.04 11.87
CA SER A 314 -2.48 15.91 13.34
C SER A 314 -1.37 15.18 14.07
N VAL A 315 -0.40 14.55 13.38
CA VAL A 315 0.70 13.86 14.07
C VAL A 315 1.51 14.78 15.04
N THR A 316 1.70 16.07 14.68
CA THR A 316 2.44 17.01 15.54
C THR A 316 1.66 17.48 16.79
N SER A 317 0.39 17.05 16.91
CA SER A 317 -0.46 17.32 18.07
C SER A 317 -0.39 16.07 18.99
N SER A 318 -1.17 16.08 20.10
CA SER A 318 -1.22 14.95 21.03
C SER A 318 -1.49 13.61 20.34
N VAL A 319 -2.13 13.63 19.13
CA VAL A 319 -2.44 12.47 18.29
C VAL A 319 -1.21 11.57 18.11
N GLY A 320 -0.09 12.16 17.74
CA GLY A 320 1.18 11.47 17.56
C GLY A 320 2.12 11.67 18.74
N ILE A 321 2.26 12.92 19.20
CA ILE A 321 3.15 13.28 20.32
C ILE A 321 2.91 12.47 21.59
N LEU A 322 1.64 12.12 21.93
CA LEU A 322 1.40 11.29 23.11
C LEU A 322 1.91 9.86 22.98
N PRO A 323 1.44 9.04 21.99
CA PRO A 323 1.97 7.66 21.89
C PRO A 323 3.44 7.60 21.53
N LEU A 324 3.92 8.52 20.68
CA LEU A 324 5.32 8.53 20.28
C LEU A 324 6.30 8.90 21.41
N SER A 325 5.89 9.78 22.37
CA SER A 325 6.70 10.15 23.54
C SER A 325 6.75 9.01 24.56
N ILE A 326 5.68 8.19 24.63
CA ILE A 326 5.65 7.03 25.52
C ILE A 326 6.65 6.03 24.96
N ALA A 327 6.58 5.79 23.66
CA ALA A 327 7.46 4.83 22.99
C ALA A 327 8.93 5.22 22.96
N PHE A 328 9.24 6.49 22.66
CA PHE A 328 10.61 6.98 22.40
C PHE A 328 11.20 8.01 23.33
N GLY A 329 10.37 8.59 24.20
CA GLY A 329 10.80 9.67 25.09
C GLY A 329 10.42 10.99 24.49
N TYR A 330 10.02 11.95 25.34
CA TYR A 330 9.58 13.28 24.90
C TYR A 330 10.68 14.06 24.19
N LYS A 331 11.91 14.02 24.74
CA LYS A 331 13.08 14.71 24.20
C LYS A 331 13.28 14.45 22.70
N ASN A 332 13.11 13.18 22.27
CA ASN A 332 13.19 12.76 20.87
C ASN A 332 12.07 13.41 20.07
N MET A 333 10.85 13.43 20.64
CA MET A 333 9.68 14.04 20.01
C MET A 333 9.78 15.55 19.90
N ARG A 334 10.45 16.21 20.88
CA ARG A 334 10.72 17.66 20.83
C ARG A 334 11.62 17.97 19.62
N ASN A 335 12.65 17.11 19.36
CA ASN A 335 13.56 17.26 18.22
CA ASN A 335 13.57 17.24 18.21
C ASN A 335 12.80 17.05 16.88
N PHE A 336 11.80 16.12 16.87
CA PHE A 336 10.94 15.88 15.72
C PHE A 336 10.12 17.16 15.44
N LEU A 337 9.55 17.79 16.51
CA LEU A 337 8.80 19.06 16.37
C LEU A 337 9.68 20.15 15.79
N ASN A 338 10.93 20.26 16.26
CA ASN A 338 11.95 21.21 15.83
C ASN A 338 12.24 21.10 14.31
N GLY A 339 12.28 19.87 13.80
CA GLY A 339 12.47 19.56 12.39
C GLY A 339 11.31 20.04 11.56
N CYS A 340 10.06 19.77 12.04
CA CYS A 340 8.83 20.22 11.38
C CYS A 340 8.86 21.74 11.27
N HIS A 341 9.20 22.41 12.41
CA HIS A 341 9.27 23.87 12.55
C HIS A 341 10.26 24.52 11.61
N ASP A 342 11.49 23.97 11.50
CA ASP A 342 12.51 24.52 10.58
C ASP A 342 12.07 24.50 9.13
N MET A 343 11.39 23.39 8.72
CA MET A 343 10.85 23.23 7.37
C MET A 343 9.64 24.17 7.18
N ASP A 344 8.78 24.33 8.21
CA ASP A 344 7.66 25.29 8.20
C ASP A 344 8.21 26.72 7.94
N GLU A 345 9.27 27.11 8.67
CA GLU A 345 9.94 28.41 8.53
C GLU A 345 10.48 28.60 7.12
N HIS A 346 11.12 27.56 6.56
CA HIS A 346 11.64 27.61 5.20
C HIS A 346 10.47 27.80 4.20
N PHE A 347 9.38 27.01 4.37
CA PHE A 347 8.17 27.08 3.56
C PHE A 347 7.58 28.50 3.54
N LEU A 348 7.45 29.11 4.71
CA LEU A 348 6.88 30.45 4.86
C LEU A 348 7.79 31.57 4.34
N HIS A 349 9.10 31.54 4.69
CA HIS A 349 10.05 32.62 4.39
C HIS A 349 10.81 32.57 3.07
N ALA A 350 11.15 31.36 2.58
CA ALA A 350 11.92 31.24 1.35
C ALA A 350 11.17 31.77 0.16
N ASP A 351 11.87 32.48 -0.70
CA ASP A 351 11.33 32.97 -1.96
C ASP A 351 10.88 31.76 -2.78
N LEU A 352 9.79 31.90 -3.55
CA LEU A 352 9.25 30.78 -4.33
C LEU A 352 10.26 29.99 -5.17
N LYS A 353 11.15 30.71 -5.88
CA LYS A 353 12.20 30.13 -6.74
C LYS A 353 13.21 29.20 -6.00
N GLU A 354 13.25 29.30 -4.65
CA GLU A 354 14.16 28.53 -3.80
C GLU A 354 13.42 27.90 -2.62
N ASN A 355 12.12 27.75 -2.76
CA ASN A 355 11.28 27.16 -1.72
C ASN A 355 11.04 25.71 -2.12
N ILE A 356 11.74 24.79 -1.45
CA ILE A 356 11.71 23.36 -1.70
C ILE A 356 10.29 22.72 -1.74
N PRO A 357 9.39 22.93 -0.75
CA PRO A 357 8.02 22.34 -0.86
C PRO A 357 7.20 22.93 -2.02
N VAL A 358 7.38 24.22 -2.29
CA VAL A 358 6.73 24.94 -3.38
C VAL A 358 7.12 24.35 -4.76
N LEU A 359 8.42 24.17 -4.98
CA LEU A 359 9.00 23.57 -6.20
C LEU A 359 8.56 22.11 -6.40
N LEU A 360 8.37 21.34 -5.29
CA LEU A 360 7.86 19.97 -5.30
C LEU A 360 6.37 20.00 -5.71
N ALA A 361 5.59 20.96 -5.15
CA ALA A 361 4.17 21.17 -5.49
C ALA A 361 4.02 21.60 -6.95
N LEU A 362 4.89 22.51 -7.44
CA LEU A 362 4.85 23.02 -8.83
C LEU A 362 5.14 21.94 -9.84
N THR A 363 6.10 21.05 -9.53
CA THR A 363 6.52 19.92 -10.37
C THR A 363 5.32 18.96 -10.57
N SER A 364 4.68 18.59 -9.45
CA SER A 364 3.51 17.72 -9.33
C SER A 364 2.34 18.30 -10.15
N PHE A 365 2.07 19.58 -9.94
CA PHE A 365 1.02 20.34 -10.61
C PHE A 365 1.29 20.36 -12.14
N TYR A 366 2.57 20.54 -12.52
CA TYR A 366 3.04 20.58 -13.91
C TYR A 366 2.81 19.24 -14.63
N ASN A 367 3.25 18.14 -14.03
CA ASN A 367 3.08 16.78 -14.54
C ASN A 367 1.61 16.40 -14.70
N SER A 368 0.79 16.73 -13.70
CA SER A 368 -0.63 16.42 -13.66
C SER A 368 -1.42 17.20 -14.69
N HIS A 369 -1.21 18.53 -14.73
CA HIS A 369 -1.93 19.42 -15.62
C HIS A 369 -1.49 19.43 -17.06
N PHE A 370 -0.16 19.52 -17.28
CA PHE A 370 0.42 19.67 -18.62
C PHE A 370 0.85 18.39 -19.33
N PHE A 371 0.95 17.28 -18.59
CA PHE A 371 1.34 16.00 -19.18
C PHE A 371 0.32 14.91 -18.91
N ASP A 372 -0.73 15.22 -18.12
CA ASP A 372 -1.78 14.28 -17.73
C ASP A 372 -1.24 13.06 -16.97
N TYR A 373 -0.18 13.27 -16.15
CA TYR A 373 0.38 12.21 -15.33
C TYR A 373 -0.38 12.29 -14.01
N LYS A 374 -1.45 11.48 -13.91
CA LYS A 374 -2.41 11.46 -12.81
C LYS A 374 -2.08 10.50 -11.68
N ASN A 375 -0.82 10.06 -11.59
CA ASN A 375 -0.33 9.20 -10.50
C ASN A 375 0.97 9.73 -9.92
N VAL A 376 1.23 9.39 -8.65
CA VAL A 376 2.47 9.70 -7.96
C VAL A 376 2.90 8.44 -7.23
N ALA A 377 4.11 7.93 -7.52
CA ALA A 377 4.65 6.77 -6.79
C ALA A 377 5.61 7.28 -5.73
N ILE A 378 5.29 7.03 -4.46
CA ILE A 378 6.12 7.40 -3.30
C ILE A 378 6.98 6.20 -3.01
N LEU A 379 8.25 6.30 -3.36
CA LEU A 379 9.20 5.18 -3.29
C LEU A 379 10.40 5.44 -2.39
N PRO A 380 10.23 5.21 -1.06
CA PRO A 380 11.38 5.41 -0.16
C PRO A 380 12.34 4.21 -0.18
N TYR A 381 13.63 4.48 -0.42
CA TYR A 381 14.66 3.44 -0.44
C TYR A 381 15.16 3.24 0.99
N PHE A 382 14.21 2.90 1.87
CA PHE A 382 14.41 2.70 3.30
C PHE A 382 13.23 1.90 3.81
N GLN A 383 13.48 0.66 4.22
CA GLN A 383 12.44 -0.25 4.70
C GLN A 383 11.70 0.33 5.90
N ASN A 384 12.41 1.09 6.74
CA ASN A 384 11.81 1.69 7.93
C ASN A 384 10.75 2.75 7.57
N LEU A 385 10.72 3.18 6.30
CA LEU A 385 9.71 4.10 5.78
C LEU A 385 8.49 3.36 5.13
N LEU A 386 8.33 2.05 5.43
CA LEU A 386 7.23 1.19 4.96
C LEU A 386 5.80 1.71 5.22
N LYS A 387 5.63 2.63 6.19
CA LYS A 387 4.33 3.22 6.53
C LYS A 387 4.19 4.68 6.09
N PHE A 388 5.20 5.23 5.39
CA PHE A 388 5.18 6.59 4.90
C PHE A 388 4.12 6.82 3.80
N SER A 389 4.14 6.00 2.74
CA SER A 389 3.21 6.07 1.60
CA SER A 389 3.21 6.10 1.61
C SER A 389 1.73 6.05 2.04
N ALA A 390 1.40 5.15 3.00
CA ALA A 390 0.04 5.02 3.52
C ALA A 390 -0.40 6.36 4.16
N HIS A 391 0.56 7.10 4.76
CA HIS A 391 0.27 8.41 5.35
C HIS A 391 0.13 9.49 4.27
N ILE A 392 1.08 9.55 3.33
CA ILE A 392 1.08 10.47 2.19
C ILE A 392 -0.16 10.29 1.34
N GLN A 393 -0.70 9.06 1.24
CA GLN A 393 -1.94 8.74 0.55
C GLN A 393 -3.10 9.58 1.11
N GLN A 394 -3.30 9.58 2.46
CA GLN A 394 -4.37 10.37 3.08
C GLN A 394 -4.11 11.86 2.99
N LEU A 395 -2.91 12.28 3.40
CA LEU A 395 -2.48 13.67 3.36
C LEU A 395 -2.70 14.30 2.00
N SER A 396 -2.40 13.57 0.92
CA SER A 396 -2.55 14.10 -0.42
C SER A 396 -3.93 13.92 -1.01
N MET A 397 -4.47 12.69 -0.98
CA MET A 397 -5.75 12.33 -1.62
C MET A 397 -6.99 12.86 -0.91
N GLU A 398 -6.99 12.82 0.42
CA GLU A 398 -8.10 13.37 1.16
C GLU A 398 -8.07 14.91 1.11
N SER A 399 -6.87 15.53 1.03
CA SER A 399 -6.77 16.99 0.97
C SER A 399 -7.15 17.49 -0.42
N ASN A 400 -6.45 16.97 -1.44
CA ASN A 400 -6.56 17.46 -2.79
C ASN A 400 -7.48 16.73 -3.76
N GLY A 401 -8.11 15.63 -3.35
CA GLY A 401 -9.07 14.90 -4.17
C GLY A 401 -10.40 15.59 -4.13
N LYS A 402 -10.46 16.76 -4.78
CA LYS A 402 -11.58 17.70 -4.80
C LYS A 402 -12.18 17.96 -6.18
N SER A 403 -13.43 18.42 -6.21
CA SER A 403 -14.23 18.68 -7.43
C SER A 403 -14.69 20.12 -7.55
N VAL A 404 -14.60 20.90 -6.47
CA VAL A 404 -15.11 22.28 -6.39
C VAL A 404 -13.98 23.24 -5.98
N ASP A 405 -13.85 24.39 -6.68
CA ASP A 405 -12.77 25.35 -6.41
C ASP A 405 -13.02 26.22 -5.20
N ARG A 406 -12.05 27.09 -4.87
CA ARG A 406 -12.17 28.01 -3.73
C ARG A 406 -13.25 29.09 -3.93
N ASN A 407 -13.68 29.32 -5.20
CA ASN A 407 -14.76 30.27 -5.53
C ASN A 407 -16.12 29.50 -5.52
N ASN A 408 -16.11 28.27 -4.96
CA ASN A 408 -17.25 27.35 -4.82
C ASN A 408 -17.86 26.88 -6.13
N GLN A 409 -17.03 26.95 -7.19
CA GLN A 409 -17.43 26.56 -8.54
CA GLN A 409 -17.47 26.55 -8.51
C GLN A 409 -17.01 25.13 -8.84
N PRO A 410 -17.94 24.25 -9.32
CA PRO A 410 -17.51 22.89 -9.71
C PRO A 410 -16.45 22.99 -10.80
N ILE A 411 -15.36 22.24 -10.68
CA ILE A 411 -14.28 22.31 -11.66
C ILE A 411 -14.07 20.97 -12.35
N HIS A 412 -13.47 21.00 -13.54
CA HIS A 412 -13.27 19.75 -14.28
C HIS A 412 -11.80 19.43 -14.56
N TYR A 413 -10.88 20.34 -14.22
CA TYR A 413 -9.45 20.12 -14.41
C TYR A 413 -8.91 19.12 -13.39
N ASN A 414 -7.70 18.60 -13.61
CA ASN A 414 -7.10 17.61 -12.71
C ASN A 414 -6.84 18.10 -11.30
N THR A 415 -7.28 17.32 -10.31
CA THR A 415 -6.94 17.63 -8.94
C THR A 415 -5.91 16.58 -8.48
N CYS A 416 -5.93 16.13 -7.23
CA CYS A 416 -4.93 15.18 -6.74
C CYS A 416 -4.83 13.94 -7.57
N GLN A 417 -3.60 13.53 -7.78
CA GLN A 417 -3.21 12.28 -8.42
C GLN A 417 -3.57 11.08 -7.52
N VAL A 418 -3.50 9.88 -8.09
CA VAL A 418 -3.62 8.66 -7.30
C VAL A 418 -2.22 8.36 -6.74
N TYR A 419 -2.10 8.31 -5.41
CA TYR A 419 -0.85 8.03 -4.73
C TYR A 419 -0.78 6.57 -4.30
N PHE A 420 0.39 5.99 -4.48
CA PHE A 420 0.71 4.62 -4.13
C PHE A 420 2.23 4.52 -4.01
N GLY A 421 2.69 3.33 -3.68
CA GLY A 421 4.11 3.04 -3.54
C GLY A 421 4.41 2.05 -2.46
N GLU A 422 5.60 1.46 -2.58
CA GLU A 422 6.21 0.50 -1.65
C GLU A 422 7.67 0.91 -1.48
N PRO A 423 8.35 0.57 -0.37
CA PRO A 423 9.78 0.91 -0.28
C PRO A 423 10.62 0.26 -1.39
N GLY A 424 11.69 0.95 -1.80
CA GLY A 424 12.68 0.41 -2.71
C GLY A 424 13.62 -0.46 -1.88
N THR A 425 14.12 -1.60 -2.39
CA THR A 425 14.01 -2.10 -3.76
C THR A 425 12.75 -2.96 -3.99
N ASN A 426 12.00 -3.30 -2.93
CA ASN A 426 10.77 -4.12 -3.04
C ASN A 426 9.95 -3.86 -4.31
N GLY A 427 9.54 -2.60 -4.51
CA GLY A 427 8.74 -2.16 -5.65
C GLY A 427 9.26 -2.54 -7.02
N GLN A 428 10.59 -2.61 -7.18
CA GLN A 428 11.28 -2.99 -8.42
C GLN A 428 10.89 -4.37 -8.93
N HIS A 429 10.51 -5.27 -8.00
CA HIS A 429 10.14 -6.66 -8.31
C HIS A 429 8.64 -6.80 -8.22
N SER A 430 7.93 -5.67 -8.23
CA SER A 430 6.49 -5.71 -8.16
C SER A 430 5.80 -4.98 -9.31
N PHE A 431 6.00 -3.67 -9.42
CA PHE A 431 5.28 -2.86 -10.39
C PHE A 431 6.16 -1.90 -11.20
N TYR A 432 7.52 -1.93 -11.03
CA TYR A 432 8.37 -1.01 -11.83
C TYR A 432 8.34 -1.37 -13.30
N GLN A 433 8.00 -2.64 -13.63
CA GLN A 433 7.80 -3.12 -14.99
C GLN A 433 6.85 -2.13 -15.70
N LEU A 434 5.73 -1.77 -15.04
CA LEU A 434 4.72 -0.84 -15.55
C LEU A 434 5.26 0.58 -15.58
N ILE A 435 5.97 1.02 -14.51
CA ILE A 435 6.56 2.38 -14.42
C ILE A 435 7.58 2.61 -15.55
N HIS A 436 8.26 1.52 -16.01
CA HIS A 436 9.23 1.55 -17.10
C HIS A 436 8.62 1.40 -18.49
N GLN A 437 7.67 0.46 -18.67
CA GLN A 437 7.07 0.20 -19.99
C GLN A 437 5.56 0.43 -20.17
N GLY A 438 4.79 0.56 -19.10
CA GLY A 438 3.36 0.83 -19.21
C GLY A 438 3.09 2.32 -19.12
N GLN A 439 2.01 2.73 -18.41
CA GLN A 439 1.69 4.15 -18.19
C GLN A 439 2.91 4.87 -17.52
N VAL A 440 3.12 6.14 -17.89
CA VAL A 440 4.16 6.97 -17.28
C VAL A 440 3.66 7.38 -15.88
N ILE A 441 4.45 7.12 -14.85
CA ILE A 441 4.11 7.44 -13.46
C ILE A 441 5.27 8.19 -12.83
N PRO A 442 5.16 9.53 -12.62
CA PRO A 442 6.27 10.26 -11.96
C PRO A 442 6.56 9.66 -10.59
N VAL A 443 7.86 9.46 -10.30
CA VAL A 443 8.26 8.84 -9.05
C VAL A 443 8.89 9.83 -8.09
N GLU A 444 8.70 9.62 -6.80
CA GLU A 444 9.36 10.44 -5.79
C GLU A 444 10.20 9.52 -4.96
N LEU A 445 11.51 9.57 -5.20
CA LEU A 445 12.49 8.71 -4.53
C LEU A 445 13.06 9.39 -3.31
N ILE A 446 13.14 8.64 -2.20
CA ILE A 446 13.65 9.13 -0.92
C ILE A 446 14.75 8.20 -0.44
N GLY A 447 15.93 8.75 -0.20
CA GLY A 447 17.07 7.95 0.23
C GLY A 447 17.86 8.61 1.30
N PHE A 448 18.70 7.81 1.97
CA PHE A 448 19.59 8.26 3.04
C PHE A 448 21.03 7.82 2.78
N LYS A 449 21.99 8.60 3.30
CA LYS A 449 23.41 8.28 3.15
C LYS A 449 23.82 7.20 4.14
N HIS A 450 23.05 7.04 5.23
CA HIS A 450 23.32 6.08 6.32
C HIS A 450 22.12 5.19 6.65
N SER A 451 22.42 4.01 7.19
CA SER A 451 21.45 3.01 7.62
C SER A 451 21.17 3.14 9.12
N HIS A 452 20.04 2.55 9.59
CA HIS A 452 19.72 2.44 11.00
C HIS A 452 20.38 1.15 11.52
N PHE A 453 20.78 0.25 10.60
CA PHE A 453 21.40 -1.03 10.93
C PHE A 453 22.43 -1.37 9.88
N PRO A 454 23.59 -0.63 9.92
CA PRO A 454 24.65 -0.89 8.91
C PRO A 454 25.15 -2.33 8.88
N ILE A 455 25.26 -2.90 7.66
CA ILE A 455 25.82 -4.24 7.47
C ILE A 455 26.90 -4.17 6.40
N LYS A 456 28.02 -4.85 6.67
CA LYS A 456 29.16 -5.00 5.77
C LYS A 456 29.98 -6.19 6.23
N PHE A 457 30.31 -7.06 5.26
CA PHE A 457 31.17 -8.23 5.45
C PHE A 457 32.39 -8.04 4.55
N ASP A 458 33.58 -8.47 5.04
CA ASP A 458 34.85 -8.29 4.32
C ASP A 458 34.89 -8.84 2.89
N LYS A 459 34.22 -9.97 2.63
CA LYS A 459 34.25 -10.58 1.28
C LYS A 459 33.37 -9.84 0.25
N GLU A 460 32.41 -9.04 0.72
CA GLU A 460 31.46 -8.31 -0.11
C GLU A 460 32.03 -7.13 -0.86
N VAL A 461 31.63 -6.99 -2.13
CA VAL A 461 31.98 -5.89 -3.04
C VAL A 461 31.49 -4.56 -2.42
N VAL A 462 30.25 -4.54 -1.85
CA VAL A 462 29.67 -3.35 -1.21
C VAL A 462 28.95 -3.66 0.10
N SER A 463 28.76 -2.63 0.94
CA SER A 463 27.96 -2.72 2.17
C SER A 463 26.50 -2.93 1.70
N ASN A 464 25.65 -3.59 2.53
CA ASN A 464 24.25 -3.84 2.16
C ASN A 464 23.50 -2.53 1.84
N HIS A 465 23.78 -1.45 2.60
CA HIS A 465 23.20 -0.14 2.37
C HIS A 465 23.57 0.41 1.01
N ASP A 466 24.84 0.22 0.59
CA ASP A 466 25.32 0.68 -0.71
C ASP A 466 24.65 -0.11 -1.79
N GLU A 467 24.44 -1.43 -1.56
CA GLU A 467 23.77 -2.29 -2.54
C GLU A 467 22.36 -1.76 -2.84
N LEU A 468 21.63 -1.40 -1.77
CA LEU A 468 20.31 -0.78 -1.80
C LEU A 468 20.38 0.51 -2.63
N MET A 469 21.38 1.36 -2.32
CA MET A 469 21.55 2.67 -2.95
C MET A 469 21.94 2.69 -4.41
N THR A 470 22.54 1.60 -4.92
CA THR A 470 22.90 1.49 -6.34
C THR A 470 21.64 1.63 -7.18
N ASN A 471 20.53 1.07 -6.66
CA ASN A 471 19.20 1.07 -7.27
C ASN A 471 18.55 2.44 -7.27
N PHE A 472 18.72 3.18 -6.17
CA PHE A 472 18.19 4.53 -5.96
C PHE A 472 18.59 5.42 -7.12
N PHE A 473 19.92 5.47 -7.44
CA PHE A 473 20.51 6.25 -8.51
C PHE A 473 20.18 5.65 -9.87
N ALA A 474 20.35 4.34 -10.02
CA ALA A 474 20.12 3.63 -11.29
C ALA A 474 18.68 3.74 -11.82
N GLN A 475 17.65 3.53 -10.95
CA GLN A 475 16.23 3.59 -11.36
C GLN A 475 15.85 4.95 -11.94
N ALA A 476 16.32 6.03 -11.31
CA ALA A 476 16.11 7.40 -11.75
C ALA A 476 16.67 7.60 -13.17
N ASP A 477 17.87 7.07 -13.41
CA ASP A 477 18.53 7.18 -14.71
C ASP A 477 17.87 6.33 -15.76
N ALA A 478 17.52 5.08 -15.40
CA ALA A 478 16.85 4.14 -16.29
C ALA A 478 15.54 4.74 -16.79
N LEU A 479 14.78 5.35 -15.86
CA LEU A 479 13.49 6.00 -16.20
C LEU A 479 13.65 7.18 -17.13
N ALA A 480 14.63 8.04 -16.85
CA ALA A 480 14.88 9.25 -17.62
C ALA A 480 15.46 8.99 -19.00
N ILE A 481 16.45 8.08 -19.08
CA ILE A 481 17.21 7.83 -20.31
C ILE A 481 16.65 6.74 -21.23
N GLY A 482 16.28 5.62 -20.66
CA GLY A 482 15.74 4.52 -21.45
C GLY A 482 16.82 3.81 -22.24
N LYS A 483 16.42 3.14 -23.31
CA LYS A 483 17.27 2.35 -24.20
C LYS A 483 16.53 2.25 -25.52
N THR A 484 17.09 2.86 -26.55
CA THR A 484 16.49 2.91 -27.90
C THR A 484 16.50 1.56 -28.59
N TYR A 485 15.72 1.43 -29.68
CA TYR A 485 15.68 0.24 -30.54
C TYR A 485 17.10 -0.04 -31.08
N GLU A 486 17.83 1.04 -31.47
CA GLU A 486 19.19 0.92 -32.00
CA GLU A 486 19.19 0.97 -32.02
C GLU A 486 20.13 0.33 -30.98
N GLN A 487 20.05 0.78 -29.71
CA GLN A 487 20.88 0.24 -28.62
C GLN A 487 20.52 -1.23 -28.34
N VAL A 488 19.22 -1.58 -28.44
CA VAL A 488 18.71 -2.95 -28.28
C VAL A 488 19.24 -3.84 -29.44
N LYS A 489 19.22 -3.31 -30.69
CA LYS A 489 19.72 -3.99 -31.89
C LYS A 489 21.22 -4.26 -31.78
N GLU A 490 21.98 -3.29 -31.22
CA GLU A 490 23.42 -3.39 -31.02
C GLU A 490 23.79 -4.49 -30.07
N GLU A 491 23.10 -4.58 -28.93
CA GLU A 491 23.32 -5.60 -27.90
C GLU A 491 22.76 -7.00 -28.31
N ASN A 492 22.06 -7.10 -29.48
CA ASN A 492 21.52 -8.34 -30.03
C ASN A 492 22.53 -9.09 -30.90
N GLU A 493 23.65 -8.42 -31.27
CA GLU A 493 24.74 -9.01 -32.08
C GLU A 493 25.36 -10.19 -31.32
N LYS A 494 25.30 -10.14 -29.96
CA LYS A 494 25.78 -11.16 -29.04
C LYS A 494 24.64 -12.02 -28.49
N ASN A 495 23.50 -11.41 -28.06
CA ASN A 495 22.35 -12.15 -27.50
C ASN A 495 21.64 -13.07 -28.52
N LYS A 496 21.50 -12.61 -29.78
CA LYS A 496 20.87 -13.34 -30.89
C LYS A 496 19.38 -13.77 -30.73
N MET A 497 18.57 -12.85 -30.21
CA MET A 497 17.11 -13.00 -30.07
C MET A 497 16.54 -12.86 -31.50
N SER A 498 15.42 -13.54 -31.78
CA SER A 498 14.73 -13.46 -33.08
C SER A 498 14.44 -11.96 -33.28
N PRO A 499 15.03 -11.32 -34.31
CA PRO A 499 14.93 -9.85 -34.43
C PRO A 499 13.58 -9.16 -34.27
N GLU A 500 12.48 -9.85 -34.61
CA GLU A 500 11.13 -9.28 -34.49
C GLU A 500 10.68 -9.04 -33.04
N LEU A 501 11.34 -9.71 -32.08
CA LEU A 501 11.05 -9.64 -30.65
C LEU A 501 11.75 -8.47 -29.94
N LEU A 502 12.71 -7.79 -30.62
CA LEU A 502 13.50 -6.71 -30.04
C LEU A 502 12.72 -5.50 -29.55
N THR A 503 11.55 -5.24 -30.15
CA THR A 503 10.67 -4.14 -29.74
C THR A 503 10.27 -4.23 -28.25
N HIS A 504 10.20 -5.47 -27.70
CA HIS A 504 9.83 -5.76 -26.30
C HIS A 504 10.86 -5.26 -25.29
N LYS A 505 12.11 -5.06 -25.73
CA LYS A 505 13.25 -4.63 -24.91
C LYS A 505 13.52 -3.11 -24.96
N VAL A 506 12.65 -2.38 -25.72
CA VAL A 506 12.77 -0.93 -25.85
C VAL A 506 12.20 -0.26 -24.58
N PHE A 507 12.94 0.73 -24.09
CA PHE A 507 12.62 1.61 -22.99
C PHE A 507 12.61 3.03 -23.56
N ASN A 508 11.42 3.60 -23.72
CA ASN A 508 11.24 4.92 -24.33
C ASN A 508 11.88 6.09 -23.56
N GLY A 509 12.08 5.92 -22.27
CA GLY A 509 12.67 6.95 -21.43
C GLY A 509 11.72 8.11 -21.21
N ASN A 510 12.26 9.26 -20.80
CA ASN A 510 11.48 10.48 -20.54
C ASN A 510 10.43 10.31 -19.45
N ARG A 511 10.70 9.36 -18.51
CA ARG A 511 9.85 9.05 -17.36
C ARG A 511 10.41 9.81 -16.15
N PRO A 512 9.64 10.80 -15.63
CA PRO A 512 10.18 11.70 -14.60
C PRO A 512 10.37 11.15 -13.18
N SER A 513 11.34 11.73 -12.46
CA SER A 513 11.61 11.41 -11.08
C SER A 513 12.20 12.60 -10.34
N THR A 514 11.90 12.64 -9.05
CA THR A 514 12.49 13.58 -8.09
C THR A 514 13.29 12.68 -7.13
N LEU A 515 14.49 13.13 -6.75
CA LEU A 515 15.29 12.39 -5.79
C LEU A 515 15.50 13.23 -4.56
N LEU A 516 15.12 12.69 -3.41
CA LEU A 516 15.32 13.32 -2.11
C LEU A 516 16.42 12.51 -1.44
N LEU A 517 17.60 13.12 -1.24
CA LEU A 517 18.69 12.41 -0.58
C LEU A 517 19.07 13.13 0.68
N PHE A 518 18.75 12.51 1.81
CA PHE A 518 19.04 13.01 3.14
C PHE A 518 20.32 12.33 3.64
N ASP A 519 20.93 12.93 4.66
CA ASP A 519 22.13 12.35 5.22
C ASP A 519 21.79 11.17 6.11
N GLU A 520 20.78 11.35 6.97
CA GLU A 520 20.40 10.37 7.99
C GLU A 520 18.92 10.50 8.37
N LEU A 521 18.26 9.40 8.75
CA LEU A 521 16.88 9.48 9.25
C LEU A 521 16.88 9.48 10.79
N ASN A 522 17.05 10.66 11.37
CA ASN A 522 16.98 10.86 12.80
C ASN A 522 15.62 11.55 13.10
N PHE A 523 15.29 11.80 14.38
CA PHE A 523 13.99 12.44 14.73
C PHE A 523 13.81 13.80 14.07
N TYR A 524 14.88 14.57 13.96
CA TYR A 524 14.86 15.90 13.35
C TYR A 524 14.54 15.83 11.84
N THR A 525 15.25 14.94 11.13
CA THR A 525 15.10 14.71 9.68
C THR A 525 13.71 14.15 9.36
N CYS A 526 13.17 13.29 10.26
CA CYS A 526 11.83 12.74 10.07
C CYS A 526 10.75 13.86 10.09
N GLY A 527 10.99 14.89 10.90
CA GLY A 527 10.13 16.06 11.03
C GLY A 527 10.24 16.92 9.80
N LEU A 528 11.46 17.04 9.25
CA LEU A 528 11.78 17.77 8.03
C LEU A 528 10.99 17.11 6.88
N LEU A 529 11.00 15.76 6.82
CA LEU A 529 10.31 14.98 5.80
C LEU A 529 8.80 15.13 5.89
N LEU A 530 8.24 15.10 7.11
CA LEU A 530 6.81 15.26 7.36
C LEU A 530 6.33 16.65 6.92
N SER A 531 6.97 17.71 7.44
CA SER A 531 6.63 19.08 7.07
C SER A 531 6.85 19.34 5.57
N LEU A 532 7.87 18.70 4.94
CA LEU A 532 8.10 18.86 3.52
C LEU A 532 6.81 18.49 2.76
N TYR A 533 6.22 17.33 3.08
CA TYR A 533 5.00 16.83 2.45
C TYR A 533 3.74 17.57 2.81
N GLU A 534 3.60 17.95 4.09
CA GLU A 534 2.47 18.76 4.57
C GLU A 534 2.52 20.09 3.84
N SER A 535 3.72 20.72 3.75
CA SER A 535 3.93 22.01 3.07
C SER A 535 3.64 21.90 1.58
N ARG A 536 4.11 20.80 0.92
CA ARG A 536 3.89 20.52 -0.50
C ARG A 536 2.38 20.46 -0.80
N ILE A 537 1.62 19.74 0.05
CA ILE A 537 0.18 19.58 -0.15
C ILE A 537 -0.62 20.89 -0.04
N VAL A 538 -0.29 21.72 0.98
CA VAL A 538 -0.83 23.04 1.25
C VAL A 538 -0.53 23.92 0.02
N ALA A 539 0.73 23.96 -0.44
CA ALA A 539 1.10 24.76 -1.62
C ALA A 539 0.31 24.32 -2.87
N GLU A 540 0.20 22.98 -3.09
CA GLU A 540 -0.48 22.43 -4.25
C GLU A 540 -1.98 22.70 -4.26
N GLY A 541 -2.63 22.68 -3.09
CA GLY A 541 -4.06 23.01 -2.96
C GLY A 541 -4.36 24.41 -3.48
N PHE A 542 -3.50 25.39 -3.13
CA PHE A 542 -3.59 26.76 -3.55
C PHE A 542 -3.26 26.89 -5.04
N LEU A 543 -2.31 26.07 -5.56
CA LEU A 543 -1.97 26.06 -6.99
C LEU A 543 -3.16 25.54 -7.79
N LEU A 544 -3.89 24.55 -7.21
CA LEU A 544 -5.07 23.90 -7.79
C LEU A 544 -6.34 24.68 -7.55
N ASN A 545 -6.26 25.68 -6.63
CA ASN A 545 -7.34 26.55 -6.21
C ASN A 545 -8.51 25.79 -5.61
N ILE A 546 -8.21 24.89 -4.71
CA ILE A 546 -9.19 24.07 -4.01
C ILE A 546 -8.96 24.18 -2.50
N ASN A 547 -9.92 23.65 -1.72
CA ASN A 547 -9.81 23.62 -0.27
C ASN A 547 -9.17 22.29 0.09
N SER A 548 -7.93 22.35 0.58
CA SER A 548 -7.15 21.19 1.02
C SER A 548 -7.57 20.74 2.39
N PHE A 549 -8.39 21.55 3.06
CA PHE A 549 -8.70 21.37 4.48
C PHE A 549 -10.02 20.72 4.88
N ASP A 550 -10.95 20.55 3.94
CA ASP A 550 -12.24 19.90 4.20
C ASP A 550 -12.24 18.45 3.66
N GLN A 551 -13.33 17.71 3.91
CA GLN A 551 -13.54 16.31 3.45
C GLN A 551 -15.05 15.98 3.38
N TRP A 552 -15.79 16.72 2.58
CA TRP A 552 -17.24 16.53 2.43
C TRP A 552 -17.57 15.22 1.72
N GLY A 553 -16.62 14.72 0.93
CA GLY A 553 -16.73 13.50 0.14
C GLY A 553 -16.82 12.19 0.88
N VAL A 554 -16.62 12.19 2.20
CA VAL A 554 -16.71 10.97 3.02
C VAL A 554 -18.09 10.79 3.66
N GLU A 555 -18.95 11.82 3.57
CA GLU A 555 -20.25 11.84 4.23
C GLU A 555 -21.34 10.92 3.70
N LEU A 556 -21.48 10.82 2.38
CA LEU A 556 -22.49 9.97 1.75
C LEU A 556 -22.43 8.50 2.17
N GLY A 557 -21.22 7.94 2.24
CA GLY A 557 -20.98 6.56 2.63
C GLY A 557 -21.31 6.27 4.07
N LYS A 558 -21.13 7.27 4.95
CA LYS A 558 -21.45 7.17 6.38
C LYS A 558 -22.99 7.11 6.54
N VAL A 559 -23.70 8.00 5.83
CA VAL A 559 -25.18 8.11 5.84
C VAL A 559 -25.77 6.78 5.40
N LEU A 560 -25.29 6.26 4.24
CA LEU A 560 -25.82 5.03 3.70
C LEU A 560 -25.57 3.80 4.57
N ALA A 561 -24.39 3.74 5.24
CA ALA A 561 -24.01 2.65 6.12
C ALA A 561 -24.90 2.59 7.38
N LYS A 562 -25.35 3.78 7.87
CA LYS A 562 -26.23 3.85 9.05
C LYS A 562 -27.59 3.22 8.74
N GLU A 563 -28.06 3.38 7.48
CA GLU A 563 -29.29 2.79 6.94
C GLU A 563 -29.13 1.26 6.95
N VAL A 564 -27.99 0.73 6.41
CA VAL A 564 -27.68 -0.70 6.38
C VAL A 564 -27.57 -1.26 7.82
N ARG A 565 -26.96 -0.48 8.75
CA ARG A 565 -26.82 -0.87 10.16
C ARG A 565 -28.19 -1.14 10.78
N ASN A 566 -29.12 -0.17 10.64
CA ASN A 566 -30.51 -0.26 11.11
C ASN A 566 -31.21 -1.47 10.49
N TYR A 567 -31.03 -1.68 9.16
CA TYR A 567 -31.60 -2.81 8.44
C TYR A 567 -31.09 -4.11 9.02
N PHE A 568 -29.77 -4.19 9.30
CA PHE A 568 -29.14 -5.39 9.90
C PHE A 568 -29.72 -5.65 11.27
N ASN A 569 -29.94 -4.60 12.06
CA ASN A 569 -30.50 -4.75 13.40
C ASN A 569 -31.97 -5.26 13.34
N ASP A 570 -32.77 -4.69 12.43
CA ASP A 570 -34.15 -5.13 12.15
C ASP A 570 -34.17 -6.57 11.69
N THR A 571 -33.39 -6.91 10.65
CA THR A 571 -33.34 -8.26 10.05
C THR A 571 -32.85 -9.38 10.98
N ARG A 572 -31.68 -9.18 11.64
CA ARG A 572 -31.06 -10.14 12.56
C ARG A 572 -31.97 -10.45 13.74
N ASN A 573 -32.72 -9.44 14.20
CA ASN A 573 -33.65 -9.55 15.32
C ASN A 573 -35.10 -9.87 14.92
N GLN A 574 -35.30 -10.29 13.64
CA GLN A 574 -36.59 -10.70 13.05
C GLN A 574 -37.71 -9.71 13.38
N LYS A 575 -37.44 -8.40 13.22
CA LYS A 575 -38.39 -7.36 13.56
C LYS A 575 -38.32 -6.15 12.63
N LYS A 576 -39.25 -5.19 12.81
CA LYS A 576 -39.38 -3.92 12.08
C LYS A 576 -39.05 -2.75 13.06
N SER A 577 -39.00 -1.51 12.53
CA SER A 577 -38.73 -0.29 13.31
C SER A 577 -39.27 0.94 12.54
N ASP A 578 -39.08 2.17 13.10
CA ASP A 578 -39.51 3.44 12.49
C ASP A 578 -38.80 3.75 11.15
N ASN A 579 -37.65 3.08 10.89
CA ASN A 579 -36.87 3.22 9.66
C ASN A 579 -37.54 2.54 8.47
N THR A 580 -37.51 3.19 7.30
CA THR A 580 -38.04 2.66 6.05
C THR A 580 -36.87 2.52 5.06
N TYR A 581 -36.76 1.37 4.41
CA TYR A 581 -35.64 1.11 3.51
C TYR A 581 -36.01 1.05 2.05
N ASN A 582 -35.21 1.73 1.23
CA ASN A 582 -35.40 1.67 -0.21
C ASN A 582 -34.07 1.29 -0.87
N PHE A 583 -33.77 -0.03 -0.81
CA PHE A 583 -32.55 -0.61 -1.37
C PHE A 583 -32.78 -0.96 -2.81
N ASN A 584 -31.80 -0.70 -3.68
CA ASN A 584 -31.95 -1.02 -5.10
C ASN A 584 -32.02 -2.56 -5.31
N GLU A 585 -32.33 -2.98 -6.53
CA GLU A 585 -32.48 -4.39 -6.87
C GLU A 585 -31.24 -5.26 -6.63
N SER A 586 -30.02 -4.70 -6.79
CA SER A 586 -28.77 -5.42 -6.54
C SER A 586 -28.48 -5.55 -5.05
N THR A 587 -28.61 -4.44 -4.29
CA THR A 587 -28.37 -4.43 -2.85
C THR A 587 -29.26 -5.47 -2.16
N LYS A 588 -30.53 -5.53 -2.55
CA LYS A 588 -31.51 -6.48 -2.01
C LYS A 588 -31.07 -7.95 -2.17
N ILE A 589 -30.58 -8.33 -3.37
CA ILE A 589 -30.10 -9.68 -3.65
C ILE A 589 -28.89 -10.04 -2.76
N LEU A 590 -27.88 -9.17 -2.68
CA LEU A 590 -26.68 -9.41 -1.89
C LEU A 590 -26.93 -9.35 -0.38
N LEU A 591 -27.82 -8.43 0.08
CA LEU A 591 -28.18 -8.38 1.50
C LEU A 591 -28.88 -9.70 1.93
N ASN A 592 -29.72 -10.26 1.03
CA ASN A 592 -30.44 -11.53 1.23
C ASN A 592 -29.42 -12.65 1.42
N TYR A 593 -28.38 -12.70 0.54
CA TYR A 593 -27.33 -13.71 0.67
C TYR A 593 -26.52 -13.47 1.96
N TYR A 594 -26.16 -12.20 2.24
CA TYR A 594 -25.40 -11.82 3.42
C TYR A 594 -26.06 -12.23 4.74
N LEU A 595 -27.38 -12.08 4.82
CA LEU A 595 -28.15 -12.38 6.05
C LEU A 595 -28.72 -13.82 6.16
N SER A 596 -28.48 -14.64 5.13
CA SER A 596 -28.88 -16.04 5.06
CA SER A 596 -28.87 -16.06 5.07
C SER A 596 -27.97 -16.89 5.99
N LYS A 597 -28.52 -17.99 6.58
CA LYS A 597 -27.78 -18.89 7.49
C LYS A 597 -26.61 -19.61 6.83
N MET B 21 -2.56 -6.76 -37.32
CA MET B 21 -3.96 -6.58 -36.92
C MET B 21 -4.11 -6.18 -35.43
N GLU B 22 -4.18 -4.87 -35.16
CA GLU B 22 -4.33 -4.44 -33.78
C GLU B 22 -5.79 -4.37 -33.32
N ILE B 23 -5.98 -4.60 -32.03
CA ILE B 23 -7.27 -4.64 -31.38
C ILE B 23 -8.22 -3.47 -31.66
N THR B 24 -7.67 -2.25 -31.76
CA THR B 24 -8.45 -1.02 -31.96
C THR B 24 -9.22 -0.95 -33.27
N ASN B 25 -8.80 -1.75 -34.28
CA ASN B 25 -9.39 -1.82 -35.63
C ASN B 25 -10.40 -2.97 -35.84
N LEU B 26 -10.56 -3.86 -34.83
CA LEU B 26 -11.52 -4.95 -34.91
C LEU B 26 -12.94 -4.40 -34.86
N LYS B 27 -13.85 -5.04 -35.60
CA LYS B 27 -15.27 -4.70 -35.71
C LYS B 27 -15.91 -4.54 -34.32
N SER B 28 -15.83 -5.57 -33.46
CA SER B 28 -16.37 -5.56 -32.09
C SER B 28 -15.75 -4.47 -31.22
N TYR B 29 -14.44 -4.14 -31.41
CA TYR B 29 -13.80 -3.05 -30.66
C TYR B 29 -14.42 -1.71 -31.05
N LYS B 30 -14.57 -1.43 -32.37
CA LYS B 30 -15.18 -0.18 -32.84
C LYS B 30 -16.61 -0.03 -32.34
N GLU B 31 -17.35 -1.13 -32.31
CA GLU B 31 -18.73 -1.19 -31.81
C GLU B 31 -18.80 -0.79 -30.33
N LEU B 32 -17.81 -1.22 -29.51
CA LEU B 32 -17.74 -0.86 -28.08
C LEU B 32 -17.43 0.64 -27.89
N VAL B 33 -16.62 1.26 -28.79
CA VAL B 33 -16.37 2.71 -28.79
C VAL B 33 -17.74 3.43 -28.92
N THR B 34 -18.60 2.97 -29.85
CA THR B 34 -19.94 3.54 -30.09
C THR B 34 -20.87 3.31 -28.93
N LEU B 35 -20.90 2.08 -28.40
CA LEU B 35 -21.79 1.72 -27.28
C LEU B 35 -21.42 2.42 -26.00
N SER B 36 -20.12 2.54 -25.73
CA SER B 36 -19.61 3.22 -24.54
C SER B 36 -19.99 4.71 -24.50
N ALA B 37 -20.00 5.37 -25.69
CA ALA B 37 -20.40 6.78 -25.85
C ALA B 37 -21.88 6.99 -25.42
N GLU B 38 -22.76 6.05 -25.75
CA GLU B 38 -24.16 6.04 -25.34
C GLU B 38 -24.27 5.78 -23.82
N GLU B 39 -23.44 4.86 -23.30
CA GLU B 39 -23.40 4.46 -21.89
C GLU B 39 -23.06 5.62 -20.95
N LYS B 40 -22.22 6.57 -21.43
CA LYS B 40 -21.77 7.76 -20.69
C LYS B 40 -22.93 8.69 -20.37
N THR B 41 -24.01 8.60 -21.18
CA THR B 41 -25.24 9.40 -21.06
C THR B 41 -26.25 8.75 -20.08
N LYS B 42 -26.03 7.49 -19.72
CA LYS B 42 -26.92 6.70 -18.85
C LYS B 42 -26.43 6.65 -17.39
N ASP B 43 -27.38 6.60 -16.46
CA ASP B 43 -27.10 6.58 -15.04
C ASP B 43 -27.24 5.19 -14.43
N LEU B 44 -26.38 4.87 -13.44
CA LEU B 44 -26.42 3.58 -12.73
C LEU B 44 -27.65 3.49 -11.90
N LYS B 45 -28.16 4.64 -11.41
CA LYS B 45 -29.38 4.74 -10.62
C LYS B 45 -30.57 4.09 -11.39
N ASP B 46 -30.70 4.37 -12.69
CA ASP B 46 -31.77 3.81 -13.54
C ASP B 46 -31.62 2.28 -13.72
N TYR B 47 -30.39 1.82 -14.01
CA TYR B 47 -30.05 0.41 -14.20
C TYR B 47 -30.28 -0.43 -12.94
N LEU B 48 -29.97 0.15 -11.75
CA LEU B 48 -30.11 -0.52 -10.47
C LEU B 48 -31.57 -0.74 -10.01
N ASN B 49 -32.56 -0.18 -10.77
CA ASN B 49 -34.00 -0.36 -10.52
C ASN B 49 -34.54 -1.52 -11.39
N ASP B 50 -33.70 -2.04 -12.31
CA ASP B 50 -34.09 -3.15 -13.18
C ASP B 50 -33.66 -4.49 -12.54
N LYS B 51 -34.65 -5.22 -11.93
CA LYS B 51 -34.41 -6.52 -11.26
C LYS B 51 -33.80 -7.55 -12.20
N ASN B 52 -34.25 -7.57 -13.46
CA ASN B 52 -33.76 -8.49 -14.46
C ASN B 52 -32.27 -8.25 -14.79
N ARG B 53 -31.85 -6.96 -14.90
CA ARG B 53 -30.45 -6.63 -15.15
C ARG B 53 -29.60 -7.06 -13.94
N SER B 54 -30.10 -6.83 -12.72
CA SER B 54 -29.41 -7.19 -11.48
C SER B 54 -29.22 -8.71 -11.37
N GLU B 55 -30.30 -9.50 -11.65
CA GLU B 55 -30.25 -10.97 -11.63
C GLU B 55 -29.24 -11.49 -12.62
N SER B 56 -29.05 -10.78 -13.74
CA SER B 56 -28.11 -11.20 -14.78
C SER B 56 -26.68 -10.79 -14.47
N LEU B 57 -26.48 -9.64 -13.84
CA LEU B 57 -25.13 -9.14 -13.55
C LEU B 57 -24.55 -9.62 -12.21
N ILE B 58 -25.35 -10.39 -11.46
CA ILE B 58 -24.93 -10.99 -10.20
C ILE B 58 -24.66 -12.44 -10.54
N LYS B 59 -23.38 -12.78 -10.65
CA LYS B 59 -22.97 -14.15 -10.96
C LYS B 59 -22.72 -14.94 -9.67
N LYS B 60 -23.08 -16.24 -9.65
CA LYS B 60 -22.88 -17.08 -8.46
C LYS B 60 -21.98 -18.31 -8.72
N PHE B 61 -20.99 -18.54 -7.84
CA PHE B 61 -20.11 -19.70 -7.97
C PHE B 61 -19.73 -20.26 -6.63
N LYS B 62 -20.26 -21.46 -6.34
CA LYS B 62 -20.06 -22.20 -5.10
C LYS B 62 -20.50 -21.31 -3.93
N ASN B 63 -19.58 -20.98 -3.02
N ASN B 63 -19.59 -20.95 -3.02
CA ASN B 63 -19.83 -20.16 -1.82
CA ASN B 63 -19.85 -20.15 -1.83
C ASN B 63 -19.59 -18.65 -2.06
C ASN B 63 -19.69 -18.62 -2.05
N PHE B 64 -19.72 -18.16 -3.32
CA PHE B 64 -19.54 -16.73 -3.63
C PHE B 64 -20.35 -16.11 -4.77
N TYR B 65 -20.61 -14.80 -4.64
CA TYR B 65 -21.33 -13.97 -5.61
C TYR B 65 -20.41 -12.87 -6.15
N MET B 66 -20.46 -12.63 -7.47
CA MET B 66 -19.76 -11.50 -8.07
C MET B 66 -20.83 -10.58 -8.64
N ASP B 67 -21.00 -9.43 -8.00
CA ASP B 67 -21.98 -8.42 -8.39
C ASP B 67 -21.34 -7.36 -9.31
N LEU B 68 -21.63 -7.44 -10.62
CA LEU B 68 -21.15 -6.56 -11.68
C LEU B 68 -22.16 -5.47 -12.08
N SER B 69 -23.27 -5.34 -11.34
CA SER B 69 -24.36 -4.40 -11.68
C SER B 69 -24.04 -2.93 -11.58
N ARG B 70 -23.03 -2.56 -10.77
CA ARG B 70 -22.66 -1.14 -10.67
C ARG B 70 -21.58 -0.81 -11.68
N GLN B 71 -21.72 -1.37 -12.89
CA GLN B 71 -20.81 -1.13 -14.01
C GLN B 71 -21.60 -0.45 -15.10
N ARG B 72 -20.98 0.53 -15.74
CA ARG B 72 -21.62 1.39 -16.74
C ARG B 72 -21.87 0.70 -18.08
N TYR B 73 -22.69 -0.35 -18.04
CA TYR B 73 -23.09 -1.09 -19.21
C TYR B 73 -24.44 -1.75 -19.04
N SER B 74 -25.16 -1.90 -20.13
CA SER B 74 -26.43 -2.62 -20.17
C SER B 74 -26.05 -4.04 -20.53
N GLU B 75 -27.00 -4.99 -20.36
CA GLU B 75 -26.83 -6.39 -20.77
C GLU B 75 -26.37 -6.48 -22.22
N LYS B 76 -26.92 -5.62 -23.08
CA LYS B 76 -26.57 -5.57 -24.49
C LYS B 76 -25.10 -5.20 -24.74
N THR B 77 -24.52 -4.22 -23.96
CA THR B 77 -23.10 -3.82 -24.07
C THR B 77 -22.19 -4.92 -23.51
N LEU B 78 -22.60 -5.56 -22.39
CA LEU B 78 -21.85 -6.69 -21.83
C LEU B 78 -21.78 -7.80 -22.87
N ASN B 79 -22.90 -8.08 -23.58
CA ASN B 79 -22.94 -9.07 -24.68
C ASN B 79 -21.97 -8.69 -25.82
N LYS B 80 -21.78 -7.38 -26.06
CA LYS B 80 -20.81 -6.92 -27.06
C LYS B 80 -19.36 -7.11 -26.57
N LEU B 81 -19.14 -7.03 -25.23
CA LEU B 81 -17.82 -7.26 -24.64
C LEU B 81 -17.52 -8.73 -24.79
N VAL B 82 -18.54 -9.60 -24.60
CA VAL B 82 -18.43 -11.05 -24.81
C VAL B 82 -18.11 -11.33 -26.30
N GLU B 83 -18.70 -10.57 -27.23
CA GLU B 83 -18.43 -10.69 -28.68
C GLU B 83 -17.00 -10.29 -29.03
N TYR B 84 -16.43 -9.33 -28.28
CA TYR B 84 -15.04 -8.89 -28.46
C TYR B 84 -14.12 -10.02 -28.00
N ALA B 85 -14.43 -10.67 -26.86
CA ALA B 85 -13.68 -11.82 -26.32
C ALA B 85 -13.64 -12.99 -27.33
N GLU B 86 -14.75 -13.22 -28.08
CA GLU B 86 -14.84 -14.28 -29.11
C GLU B 86 -13.97 -13.92 -30.30
N GLU B 87 -14.01 -12.64 -30.73
CA GLU B 87 -13.21 -12.16 -31.85
C GLU B 87 -11.72 -12.24 -31.56
N VAL B 88 -11.29 -12.01 -30.30
CA VAL B 88 -9.87 -12.14 -29.96
C VAL B 88 -9.48 -13.59 -29.69
N GLU B 89 -10.46 -14.54 -29.81
CA GLU B 89 -10.26 -15.98 -29.60
C GLU B 89 -9.74 -16.24 -28.19
N LEU B 90 -10.39 -15.61 -27.19
CA LEU B 90 -10.02 -15.73 -25.78
C LEU B 90 -10.04 -17.17 -25.28
N LYS B 91 -11.10 -17.92 -25.61
CA LYS B 91 -11.25 -19.31 -25.19
C LYS B 91 -10.12 -20.18 -25.74
N LYS B 92 -9.80 -20.06 -27.03
CA LYS B 92 -8.71 -20.79 -27.67
C LYS B 92 -7.38 -20.49 -26.98
N LYS B 93 -7.12 -19.20 -26.71
CA LYS B 93 -5.89 -18.72 -26.07
C LYS B 93 -5.72 -19.19 -24.63
N VAL B 94 -6.78 -19.19 -23.86
CA VAL B 94 -6.79 -19.70 -22.49
C VAL B 94 -6.51 -21.21 -22.52
N GLU B 95 -7.16 -21.93 -23.45
CA GLU B 95 -6.98 -23.37 -23.60
C GLU B 95 -5.53 -23.71 -23.97
N LYS B 96 -4.91 -22.96 -24.91
CA LYS B 96 -3.50 -23.14 -25.30
C LYS B 96 -2.59 -22.99 -24.07
N THR B 97 -2.90 -22.02 -23.19
CA THR B 97 -2.15 -21.78 -21.96
C THR B 97 -2.21 -23.02 -21.04
N PHE B 98 -3.43 -23.52 -20.78
CA PHE B 98 -3.67 -24.69 -19.92
C PHE B 98 -3.04 -25.97 -20.48
N MET B 99 -3.01 -26.12 -21.84
CA MET B 99 -2.48 -27.27 -22.56
CA MET B 99 -2.47 -27.28 -22.53
C MET B 99 -0.95 -27.35 -22.51
N GLY B 100 -0.30 -26.24 -22.14
CA GLY B 100 1.16 -26.18 -22.05
C GLY B 100 1.85 -25.66 -23.29
N GLU B 101 1.10 -24.99 -24.17
CA GLU B 101 1.65 -24.38 -25.38
C GLU B 101 2.51 -23.18 -25.02
N LYS B 102 3.53 -22.92 -25.83
CA LYS B 102 4.48 -21.84 -25.60
C LYS B 102 3.87 -20.46 -25.89
N VAL B 103 2.93 -20.03 -25.03
CA VAL B 103 2.18 -18.78 -25.12
C VAL B 103 2.97 -17.58 -24.63
N ASN B 104 4.08 -17.80 -23.90
CA ASN B 104 4.98 -16.74 -23.49
C ASN B 104 5.94 -16.68 -24.69
N MET B 105 5.46 -15.99 -25.74
CA MET B 105 6.11 -15.85 -27.04
CA MET B 105 6.10 -15.82 -27.04
C MET B 105 7.45 -15.13 -27.07
N THR B 106 7.73 -14.19 -26.13
CA THR B 106 9.02 -13.49 -26.11
C THR B 106 10.15 -14.30 -25.47
N GLU B 107 9.79 -15.29 -24.65
CA GLU B 107 10.77 -16.15 -23.97
C GLU B 107 10.67 -17.59 -24.45
N ASN B 108 9.72 -17.85 -25.39
CA ASN B 108 9.43 -19.16 -25.97
C ASN B 108 9.27 -20.19 -24.84
N ARG B 109 8.28 -19.94 -23.99
CA ARG B 109 8.08 -20.69 -22.76
C ARG B 109 6.61 -21.00 -22.53
N SER B 110 6.34 -22.10 -21.82
CA SER B 110 4.99 -22.46 -21.42
C SER B 110 4.60 -21.64 -20.16
N VAL B 111 3.28 -21.56 -19.88
CA VAL B 111 2.70 -20.86 -18.74
C VAL B 111 1.87 -21.92 -18.05
N LEU B 112 2.44 -22.57 -17.03
CA LEU B 112 1.77 -23.70 -16.40
C LEU B 112 1.59 -23.67 -14.90
N HIS B 113 1.32 -22.47 -14.33
CA HIS B 113 1.03 -22.34 -12.89
C HIS B 113 -0.25 -23.14 -12.52
N THR B 114 -1.16 -23.33 -13.49
CA THR B 114 -2.38 -24.12 -13.29
C THR B 114 -2.06 -25.60 -12.99
N ALA B 115 -0.92 -26.11 -13.52
CA ALA B 115 -0.47 -27.48 -13.31
C ALA B 115 -0.15 -27.76 -11.84
N LEU B 116 0.38 -26.75 -11.13
CA LEU B 116 0.76 -26.80 -9.73
C LEU B 116 -0.34 -27.26 -8.76
N ARG B 117 -1.59 -27.00 -9.13
CA ARG B 117 -2.72 -27.34 -8.28
C ARG B 117 -3.66 -28.44 -8.80
N ILE B 118 -3.22 -29.20 -9.82
CA ILE B 118 -3.99 -30.34 -10.33
C ILE B 118 -3.87 -31.47 -9.26
N PRO B 119 -4.99 -32.00 -8.72
CA PRO B 119 -4.88 -33.04 -7.66
C PRO B 119 -4.29 -34.37 -8.14
N ILE B 120 -3.73 -35.16 -7.20
CA ILE B 120 -3.10 -36.45 -7.52
C ILE B 120 -4.00 -37.41 -8.34
N GLU B 121 -5.31 -37.39 -8.13
CA GLU B 121 -6.25 -38.25 -8.88
C GLU B 121 -6.42 -37.87 -10.32
N LYS B 122 -5.89 -36.69 -10.69
CA LYS B 122 -5.91 -36.23 -12.07
C LYS B 122 -4.49 -36.22 -12.70
N ILE B 123 -3.47 -36.76 -12.00
CA ILE B 123 -2.06 -36.81 -12.45
C ILE B 123 -1.92 -37.34 -13.88
N ASN B 124 -2.73 -38.36 -14.22
CA ASN B 124 -2.71 -39.01 -15.53
C ASN B 124 -3.74 -38.47 -16.47
N THR B 125 -5.00 -38.26 -16.00
CA THR B 125 -6.09 -37.77 -16.87
C THR B 125 -5.81 -36.37 -17.39
N HIS B 126 -5.21 -35.51 -16.54
CA HIS B 126 -4.90 -34.11 -16.84
C HIS B 126 -3.43 -33.90 -17.12
N LYS B 127 -2.71 -34.99 -17.49
CA LYS B 127 -1.28 -34.98 -17.82
C LYS B 127 -0.91 -33.89 -18.83
N ILE B 128 0.26 -33.28 -18.63
CA ILE B 128 0.80 -32.23 -19.50
C ILE B 128 2.23 -32.64 -19.85
N ILE B 129 2.49 -32.94 -21.14
CA ILE B 129 3.81 -33.39 -21.60
C ILE B 129 4.70 -32.26 -22.10
N ILE B 130 5.84 -32.07 -21.40
CA ILE B 130 6.88 -31.08 -21.73
C ILE B 130 8.19 -31.88 -21.72
N ASP B 131 8.87 -31.95 -22.87
CA ASP B 131 10.15 -32.70 -23.07
C ASP B 131 10.03 -34.18 -22.69
N ASN B 132 9.01 -34.85 -23.27
CA ASN B 132 8.71 -36.28 -23.04
C ASN B 132 8.48 -36.66 -21.58
N LYS B 133 7.98 -35.71 -20.76
CA LYS B 133 7.70 -35.97 -19.36
C LYS B 133 6.42 -35.30 -18.90
N ASN B 134 5.58 -36.08 -18.15
CA ASN B 134 4.36 -35.53 -17.56
C ASN B 134 4.84 -34.64 -16.41
N VAL B 135 4.66 -33.33 -16.58
CA VAL B 135 5.08 -32.33 -15.58
C VAL B 135 4.42 -32.53 -14.21
N LEU B 136 3.21 -33.11 -14.21
CA LEU B 136 2.45 -33.40 -12.98
C LEU B 136 3.15 -34.35 -12.03
N GLU B 137 4.04 -35.19 -12.56
CA GLU B 137 4.85 -36.13 -11.80
C GLU B 137 5.91 -35.37 -10.99
N ASP B 138 6.46 -34.28 -11.57
CA ASP B 138 7.43 -33.41 -10.91
C ASP B 138 6.73 -32.57 -9.85
N VAL B 139 5.49 -32.08 -10.18
CA VAL B 139 4.63 -31.29 -9.30
C VAL B 139 4.37 -32.10 -8.02
N HIS B 140 3.80 -33.31 -8.17
CA HIS B 140 3.45 -34.20 -7.05
C HIS B 140 4.63 -34.76 -6.29
N GLY B 141 5.76 -34.93 -6.98
CA GLY B 141 7.02 -35.36 -6.37
C GLY B 141 7.47 -34.33 -5.34
N VAL B 142 7.43 -33.03 -5.72
CA VAL B 142 7.79 -31.92 -4.83
C VAL B 142 6.75 -31.75 -3.74
N LEU B 143 5.44 -31.85 -4.07
CA LEU B 143 4.38 -31.72 -3.05
C LEU B 143 4.45 -32.79 -1.96
N LYS B 144 4.75 -34.05 -2.36
CA LYS B 144 4.95 -35.16 -1.44
C LYS B 144 6.17 -34.91 -0.54
N LYS B 145 7.24 -34.32 -1.10
CA LYS B 145 8.47 -33.91 -0.39
C LYS B 145 8.13 -32.83 0.64
N ILE B 146 7.36 -31.79 0.22
CA ILE B 146 6.93 -30.70 1.12
C ILE B 146 6.08 -31.28 2.27
N GLU B 147 5.11 -32.15 1.94
CA GLU B 147 4.24 -32.79 2.91
C GLU B 147 5.04 -33.50 4.02
N LYS B 148 6.02 -34.34 3.62
CA LYS B 148 6.88 -35.06 4.57
C LYS B 148 7.73 -34.12 5.40
N TYR B 149 8.42 -33.15 4.74
CA TYR B 149 9.28 -32.19 5.40
C TYR B 149 8.51 -31.35 6.40
N SER B 150 7.36 -30.75 5.98
CA SER B 150 6.54 -29.91 6.86
C SER B 150 5.96 -30.70 8.04
N ASP B 151 5.60 -31.97 7.82
CA ASP B 151 5.09 -32.84 8.90
C ASP B 151 6.21 -33.10 9.90
N ASP B 152 7.45 -33.32 9.41
CA ASP B 152 8.61 -33.59 10.24
C ASP B 152 9.04 -32.39 11.08
N ILE B 153 8.93 -31.17 10.54
CA ILE B 153 9.24 -29.94 11.27
C ILE B 153 8.17 -29.77 12.39
N ARG B 154 6.89 -29.94 12.03
CA ARG B 154 5.74 -29.82 12.93
C ARG B 154 5.68 -30.92 14.00
N ASN B 155 6.19 -32.11 13.72
CA ASN B 155 6.19 -33.22 14.70
C ASN B 155 7.49 -33.28 15.47
N GLY B 156 8.46 -32.46 15.06
CA GLY B 156 9.78 -32.40 15.68
C GLY B 156 10.66 -33.58 15.33
N VAL B 157 10.43 -34.17 14.13
CA VAL B 157 11.21 -35.29 13.61
C VAL B 157 12.47 -34.66 13.00
N ILE B 158 12.31 -33.55 12.27
CA ILE B 158 13.44 -32.78 11.75
C ILE B 158 13.65 -31.69 12.77
N LYS B 159 14.82 -31.74 13.43
CA LYS B 159 15.15 -30.85 14.54
C LYS B 159 16.25 -29.85 14.22
N THR B 160 16.50 -28.92 15.15
CA THR B 160 17.55 -27.91 15.09
C THR B 160 18.93 -28.56 15.37
N CYS B 161 20.01 -27.76 15.29
CA CYS B 161 21.37 -28.22 15.58
C CYS B 161 21.52 -28.57 17.09
N LYS B 162 20.61 -28.04 17.95
CA LYS B 162 20.54 -28.28 19.39
C LYS B 162 19.46 -29.33 19.72
N ASN B 163 19.01 -30.08 18.69
CA ASN B 163 18.01 -31.15 18.76
C ASN B 163 16.69 -30.76 19.43
N THR B 164 16.17 -29.56 19.06
CA THR B 164 14.89 -29.04 19.52
C THR B 164 14.00 -28.80 18.29
N LYS B 165 12.74 -28.45 18.54
CA LYS B 165 11.76 -28.15 17.52
C LYS B 165 11.97 -26.71 17.05
N PHE B 166 12.01 -26.48 15.70
CA PHE B 166 12.14 -25.14 15.13
C PHE B 166 10.92 -24.31 15.55
N LYS B 167 11.16 -23.03 15.81
CA LYS B 167 10.16 -22.06 16.22
C LYS B 167 9.99 -20.93 15.20
N ASN B 168 11.10 -20.56 14.53
CA ASN B 168 11.10 -19.45 13.57
C ASN B 168 11.39 -19.88 12.15
N VAL B 169 10.81 -19.13 11.20
CA VAL B 169 11.00 -19.33 9.77
C VAL B 169 11.26 -17.96 9.11
N ILE B 170 12.50 -17.75 8.58
CA ILE B 170 12.86 -16.55 7.85
C ILE B 170 12.80 -16.93 6.37
N CYS B 171 11.89 -16.29 5.63
CA CYS B 171 11.72 -16.49 4.20
C CYS B 171 12.48 -15.34 3.51
N ILE B 172 13.54 -15.69 2.77
CA ILE B 172 14.34 -14.72 2.02
C ILE B 172 13.93 -14.76 0.56
N GLY B 173 13.31 -13.69 0.09
CA GLY B 173 12.81 -13.56 -1.29
C GLY B 173 12.14 -12.24 -1.54
N ILE B 174 12.16 -11.80 -2.78
CA ILE B 174 11.60 -10.51 -3.19
C ILE B 174 10.60 -10.75 -4.30
N GLY B 175 9.70 -9.79 -4.53
CA GLY B 175 8.66 -9.91 -5.55
C GLY B 175 7.81 -11.16 -5.46
N GLY B 176 7.71 -11.86 -6.58
CA GLY B 176 6.93 -13.10 -6.69
C GLY B 176 7.31 -14.19 -5.70
N SER B 177 8.54 -14.11 -5.16
CA SER B 177 9.08 -15.06 -4.20
C SER B 177 8.62 -14.86 -2.77
N TYR B 178 7.77 -13.83 -2.50
CA TYR B 178 7.19 -13.61 -1.18
C TYR B 178 5.78 -12.99 -1.13
N LEU B 179 5.39 -12.18 -2.14
CA LEU B 179 4.12 -11.45 -2.17
C LEU B 179 2.88 -12.33 -2.08
N GLY B 180 2.82 -13.38 -2.89
CA GLY B 180 1.72 -14.34 -2.85
C GLY B 180 1.68 -15.03 -1.49
N THR B 181 2.83 -15.52 -1.04
CA THR B 181 3.03 -16.20 0.23
C THR B 181 2.55 -15.39 1.43
N GLU B 182 3.00 -14.11 1.52
CA GLU B 182 2.62 -13.25 2.63
C GLU B 182 1.13 -12.92 2.60
N PHE B 183 0.54 -12.82 1.40
CA PHE B 183 -0.88 -12.57 1.26
C PHE B 183 -1.63 -13.73 1.93
N VAL B 184 -1.37 -14.97 1.49
CA VAL B 184 -1.99 -16.19 2.00
C VAL B 184 -1.66 -16.37 3.50
N TYR B 185 -0.39 -16.14 3.90
CA TYR B 185 0.01 -16.24 5.31
C TYR B 185 -0.85 -15.36 6.20
N GLU B 186 -0.88 -14.07 5.91
CA GLU B 186 -1.65 -13.08 6.69
C GLU B 186 -3.15 -13.30 6.68
N ALA B 187 -3.67 -13.73 5.53
CA ALA B 187 -5.08 -14.03 5.35
C ALA B 187 -5.52 -15.24 6.18
N MET B 188 -4.66 -16.26 6.28
CA MET B 188 -4.98 -17.53 6.88
C MET B 188 -4.55 -17.78 8.29
N LYS B 189 -3.51 -17.07 8.75
CA LYS B 189 -2.97 -17.30 10.08
C LYS B 189 -3.99 -17.35 11.21
N TYR B 190 -4.89 -16.35 11.31
CA TYR B 190 -5.93 -16.32 12.35
C TYR B 190 -7.00 -17.34 12.18
N TYR B 191 -7.31 -17.77 10.93
CA TYR B 191 -8.28 -18.85 10.73
C TYR B 191 -7.69 -20.14 11.33
N TYR B 192 -6.39 -20.35 11.10
CA TYR B 192 -5.63 -21.48 11.59
C TYR B 192 -5.52 -21.44 13.11
N TYR B 193 -5.14 -20.28 13.68
CA TYR B 193 -5.01 -20.12 15.14
C TYR B 193 -6.34 -20.31 15.83
N ASN B 194 -7.41 -19.66 15.31
CA ASN B 194 -8.74 -19.60 15.90
C ASN B 194 -9.61 -20.82 15.73
N MET B 195 -9.92 -21.22 14.49
CA MET B 195 -10.80 -22.35 14.21
CA MET B 195 -10.81 -22.34 14.19
C MET B 195 -10.13 -23.68 14.39
N GLU B 196 -8.82 -23.76 14.11
CA GLU B 196 -8.08 -25.02 14.24
C GLU B 196 -7.42 -25.23 15.60
N LEU B 197 -6.38 -24.45 15.93
CA LEU B 197 -5.67 -24.61 17.19
C LEU B 197 -6.52 -24.31 18.43
N ASN B 198 -7.39 -23.28 18.35
CA ASN B 198 -8.24 -22.89 19.49
C ASN B 198 -9.65 -23.46 19.43
N LYS B 199 -9.96 -24.24 18.39
CA LYS B 199 -11.22 -24.95 18.19
C LYS B 199 -12.49 -24.09 18.25
N ASN B 200 -12.40 -22.81 17.80
CA ASN B 200 -13.55 -21.90 17.79
C ASN B 200 -14.58 -22.37 16.80
N GLU B 201 -15.86 -22.29 17.22
CA GLU B 201 -17.05 -22.65 16.44
C GLU B 201 -17.68 -21.39 15.89
N LYS B 202 -18.25 -21.48 14.66
CA LYS B 202 -18.91 -20.38 13.96
C LYS B 202 -19.98 -19.66 14.81
N ASP B 203 -20.70 -20.45 15.65
CA ASP B 203 -21.75 -19.96 16.57
C ASP B 203 -21.21 -19.26 17.85
N GLN B 204 -19.86 -19.18 18.01
CA GLN B 204 -19.20 -18.56 19.16
C GLN B 204 -18.57 -17.19 18.86
N VAL B 205 -18.92 -16.19 19.68
CA VAL B 205 -18.39 -14.82 19.65
C VAL B 205 -17.46 -14.63 20.85
N ASN B 206 -16.67 -13.54 20.84
CA ASN B 206 -15.79 -13.08 21.91
C ASN B 206 -14.78 -14.11 22.42
N ASN B 207 -14.01 -14.72 21.50
CA ASN B 207 -13.00 -15.73 21.82
C ASN B 207 -11.70 -15.12 22.40
N PHE B 208 -11.86 -14.26 23.42
CA PHE B 208 -10.78 -13.55 24.10
C PHE B 208 -9.84 -14.44 24.90
N ASN B 209 -10.25 -15.69 25.21
CA ASN B 209 -9.39 -16.62 25.93
C ASN B 209 -8.47 -17.45 25.01
N ASN B 210 -8.51 -17.19 23.68
CA ASN B 210 -7.69 -17.90 22.69
C ASN B 210 -6.20 -17.80 23.00
N ASN B 211 -5.48 -18.91 22.84
CA ASN B 211 -4.04 -18.97 23.12
C ASN B 211 -3.27 -18.89 21.81
N TYR B 212 -2.28 -18.00 21.76
CA TYR B 212 -1.47 -17.77 20.58
C TYR B 212 0.01 -18.11 20.81
N ASP B 213 0.35 -18.50 22.05
CA ASP B 213 1.69 -18.92 22.44
C ASP B 213 1.58 -20.42 22.72
N GLN B 214 1.78 -21.22 21.64
CA GLN B 214 1.67 -22.67 21.61
C GLN B 214 2.52 -23.30 20.49
N ASP B 215 2.72 -24.62 20.58
CA ASP B 215 3.59 -25.46 19.75
C ASP B 215 3.68 -25.24 18.25
N ASN B 216 2.54 -25.32 17.57
CA ASN B 216 2.51 -25.16 16.12
C ASN B 216 2.21 -23.74 15.62
N VAL B 217 2.57 -22.74 16.43
CA VAL B 217 2.45 -21.32 16.06
C VAL B 217 3.85 -20.89 15.76
N PHE B 218 4.21 -20.88 14.47
CA PHE B 218 5.56 -20.54 14.06
C PHE B 218 5.70 -19.04 13.87
N ASN B 219 6.86 -18.48 14.19
CA ASN B 219 7.14 -17.06 14.01
C ASN B 219 7.74 -16.89 12.60
N VAL B 220 6.88 -16.51 11.64
CA VAL B 220 7.23 -16.36 10.23
C VAL B 220 7.59 -14.93 9.88
N ARG B 221 8.78 -14.75 9.26
CA ARG B 221 9.30 -13.42 8.88
C ARG B 221 9.62 -13.38 7.41
N PHE B 222 9.38 -12.23 6.77
CA PHE B 222 9.68 -12.04 5.36
C PHE B 222 10.80 -11.04 5.17
N LEU B 223 11.95 -11.54 4.73
CA LEU B 223 13.12 -10.71 4.41
C LEU B 223 13.16 -10.50 2.90
N ALA B 224 12.71 -9.33 2.48
CA ALA B 224 12.60 -9.03 1.07
C ALA B 224 13.62 -8.01 0.59
N ASN B 225 13.63 -6.83 1.21
CA ASN B 225 14.51 -5.73 0.84
C ASN B 225 15.99 -6.05 1.09
N VAL B 226 16.89 -5.51 0.26
CA VAL B 226 18.35 -5.63 0.45
C VAL B 226 18.79 -4.58 1.50
N ASP B 227 17.89 -3.63 1.83
CA ASP B 227 18.15 -2.62 2.85
C ASP B 227 18.47 -3.38 4.15
N PRO B 228 19.68 -3.19 4.77
CA PRO B 228 19.99 -3.92 6.02
C PRO B 228 18.95 -3.72 7.13
N ASN B 229 18.09 -2.67 7.02
CA ASN B 229 16.98 -2.41 7.97
C ASN B 229 15.99 -3.56 7.93
N ASP B 230 15.85 -4.23 6.76
CA ASP B 230 14.98 -5.38 6.61
C ASP B 230 15.57 -6.62 7.28
N VAL B 231 16.91 -6.75 7.27
CA VAL B 231 17.62 -7.82 7.97
C VAL B 231 17.38 -7.65 9.48
N ASN B 232 17.49 -6.38 9.97
CA ASN B 232 17.24 -5.99 11.36
C ASN B 232 15.86 -6.44 11.81
N ARG B 233 14.82 -6.22 10.96
CA ARG B 233 13.43 -6.58 11.25
C ARG B 233 13.24 -8.10 11.27
N ALA B 234 13.91 -8.80 10.33
CA ALA B 234 13.84 -10.25 10.19
C ALA B 234 14.42 -10.97 11.39
N ILE B 235 15.60 -10.54 11.90
CA ILE B 235 16.32 -11.15 13.01
C ILE B 235 15.96 -10.69 14.43
N GLN B 236 15.16 -9.61 14.56
CA GLN B 236 14.79 -9.05 15.85
C GLN B 236 14.20 -10.11 16.81
N ASN B 237 14.81 -10.25 18.01
CA ASN B 237 14.43 -11.16 19.08
C ASN B 237 14.54 -12.65 18.74
N LEU B 238 15.22 -12.96 17.62
CA LEU B 238 15.36 -14.31 17.11
C LEU B 238 16.66 -14.96 17.50
N ASP B 239 16.58 -16.24 17.89
CA ASP B 239 17.73 -17.07 18.23
C ASP B 239 17.98 -17.98 17.01
N GLN B 240 19.21 -17.94 16.47
CA GLN B 240 19.69 -18.76 15.35
C GLN B 240 19.32 -20.23 15.56
N TYR B 241 19.50 -20.72 16.78
CA TYR B 241 19.23 -22.10 17.18
C TYR B 241 17.79 -22.57 16.97
N ASP B 242 16.82 -21.64 16.96
CA ASP B 242 15.39 -21.95 16.77
C ASP B 242 14.91 -21.63 15.38
N THR B 243 15.77 -21.04 14.54
CA THR B 243 15.42 -20.47 13.23
C THR B 243 15.74 -21.33 12.00
N LEU B 244 14.72 -21.53 11.14
CA LEU B 244 14.85 -22.21 9.88
C LEU B 244 14.86 -21.11 8.81
N VAL B 245 15.80 -21.19 7.86
CA VAL B 245 15.96 -20.17 6.84
C VAL B 245 15.63 -20.76 5.49
N ILE B 246 14.62 -20.18 4.81
CA ILE B 246 14.17 -20.59 3.48
C ILE B 246 14.59 -19.51 2.49
N ILE B 247 15.50 -19.87 1.57
CA ILE B 247 15.95 -18.94 0.52
C ILE B 247 15.09 -19.22 -0.72
N ILE B 248 14.28 -18.24 -1.12
CA ILE B 248 13.34 -18.35 -2.26
C ILE B 248 13.70 -17.41 -3.41
N SER B 249 14.14 -17.98 -4.55
CA SER B 249 14.47 -17.23 -5.76
C SER B 249 14.36 -18.13 -6.98
N LYS B 250 13.52 -17.74 -7.98
CA LYS B 250 13.37 -18.51 -9.22
C LYS B 250 14.73 -18.74 -9.91
N THR B 251 15.48 -17.65 -10.06
CA THR B 251 16.80 -17.64 -10.70
C THR B 251 17.94 -18.06 -9.77
N PHE B 252 17.87 -17.67 -8.47
CA PHE B 252 18.95 -17.86 -7.45
C PHE B 252 20.16 -16.96 -7.77
N THR B 253 19.90 -15.83 -8.47
CA THR B 253 20.91 -14.83 -8.84
C THR B 253 20.55 -13.40 -8.37
N THR B 254 19.25 -13.12 -8.11
CA THR B 254 18.74 -11.80 -7.71
C THR B 254 19.65 -11.16 -6.68
N ALA B 255 20.20 -9.97 -7.03
CA ALA B 255 21.14 -9.23 -6.21
C ALA B 255 20.73 -9.12 -4.73
N GLU B 256 19.47 -8.74 -4.46
CA GLU B 256 18.91 -8.55 -3.12
C GLU B 256 18.75 -9.84 -2.32
N THR B 257 18.12 -10.87 -2.93
CA THR B 257 17.87 -12.16 -2.25
C THR B 257 19.18 -12.83 -1.89
N MET B 258 20.14 -12.80 -2.82
CA MET B 258 21.44 -13.44 -2.61
C MET B 258 22.32 -12.72 -1.58
N LEU B 259 22.31 -11.38 -1.56
CA LEU B 259 23.05 -10.65 -0.54
C LEU B 259 22.45 -10.94 0.83
N ASN B 260 21.11 -11.03 0.90
CA ASN B 260 20.40 -11.36 2.15
C ASN B 260 20.64 -12.80 2.54
N ALA B 261 20.65 -13.73 1.58
CA ALA B 261 20.94 -15.13 1.84
C ALA B 261 22.32 -15.28 2.48
N ARG B 262 23.35 -14.61 1.92
CA ARG B 262 24.72 -14.63 2.43
C ARG B 262 24.80 -13.96 3.81
N SER B 263 24.04 -12.87 4.01
CA SER B 263 24.02 -12.12 5.28
C SER B 263 23.42 -12.93 6.43
N ILE B 264 22.34 -13.68 6.15
CA ILE B 264 21.66 -14.52 7.14
C ILE B 264 22.47 -15.77 7.47
N LYS B 265 23.21 -16.31 6.49
CA LYS B 265 24.08 -17.48 6.69
C LYS B 265 25.16 -17.08 7.69
N LYS B 266 25.78 -15.89 7.47
CA LYS B 266 26.80 -15.33 8.37
C LYS B 266 26.20 -15.11 9.75
N TRP B 267 24.95 -14.63 9.79
CA TRP B 267 24.23 -14.43 11.05
C TRP B 267 24.02 -15.75 11.76
N LEU B 268 23.61 -16.80 11.04
CA LEU B 268 23.43 -18.15 11.58
C LEU B 268 24.76 -18.69 12.12
N SER B 269 25.85 -18.49 11.32
CA SER B 269 27.23 -18.87 11.61
C SER B 269 27.80 -18.24 12.88
N LEU B 270 27.19 -17.16 13.39
CA LEU B 270 27.62 -16.51 14.64
C LEU B 270 27.46 -17.47 15.83
N LYS B 271 26.49 -18.37 15.76
CA LYS B 271 26.20 -19.35 16.82
C LYS B 271 26.44 -20.80 16.36
N ILE B 272 25.98 -21.14 15.14
CA ILE B 272 26.11 -22.47 14.54
C ILE B 272 27.47 -22.58 13.85
N LYS B 273 28.38 -23.38 14.43
CA LYS B 273 29.76 -23.48 13.95
C LYS B 273 30.15 -24.60 12.99
N ASP B 274 29.43 -25.74 13.03
CA ASP B 274 29.68 -26.89 12.15
C ASP B 274 28.76 -26.84 10.91
N ASP B 275 29.35 -27.05 9.70
CA ASP B 275 28.64 -27.02 8.40
C ASP B 275 27.46 -27.99 8.31
N GLU B 276 27.56 -29.17 8.94
CA GLU B 276 26.48 -30.16 8.94
C GLU B 276 25.27 -29.62 9.73
N ASN B 277 25.53 -28.93 10.86
CA ASN B 277 24.50 -28.33 11.71
C ASN B 277 23.87 -27.10 11.04
N LEU B 278 24.70 -26.33 10.29
CA LEU B 278 24.31 -25.14 9.55
C LEU B 278 23.39 -25.55 8.39
N SER B 279 23.64 -26.73 7.81
CA SER B 279 22.86 -27.31 6.71
C SER B 279 21.43 -27.60 7.17
N LYS B 280 21.26 -28.01 8.45
CA LYS B 280 19.96 -28.26 9.07
C LYS B 280 19.08 -26.99 9.16
N HIS B 281 19.69 -25.80 9.21
CA HIS B 281 18.97 -24.53 9.35
C HIS B 281 18.71 -23.78 8.05
N MET B 282 19.10 -24.36 6.90
CA MET B 282 18.97 -23.70 5.59
C MET B 282 18.33 -24.61 4.57
N VAL B 283 17.28 -24.10 3.92
CA VAL B 283 16.54 -24.77 2.86
C VAL B 283 16.37 -23.74 1.73
N ALA B 284 16.16 -24.24 0.51
CA ALA B 284 16.01 -23.37 -0.64
C ALA B 284 14.85 -23.78 -1.52
N VAL B 285 14.34 -22.81 -2.28
CA VAL B 285 13.29 -22.95 -3.29
C VAL B 285 13.80 -22.21 -4.52
N SER B 286 14.01 -22.94 -5.65
CA SER B 286 14.52 -22.36 -6.90
C SER B 286 14.21 -23.23 -8.09
N THR B 287 14.54 -22.76 -9.29
CA THR B 287 14.47 -23.58 -10.51
C THR B 287 15.92 -23.97 -10.83
N ASN B 288 16.87 -23.31 -10.19
CA ASN B 288 18.29 -23.54 -10.44
C ASN B 288 18.93 -24.49 -9.44
N LEU B 289 19.19 -25.70 -9.91
CA LEU B 289 19.78 -26.80 -9.16
C LEU B 289 21.30 -26.66 -8.96
N LYS B 290 22.01 -25.99 -9.88
CA LYS B 290 23.45 -25.76 -9.77
C LYS B 290 23.70 -24.73 -8.71
N LEU B 291 23.06 -23.55 -8.86
CA LEU B 291 23.19 -22.41 -7.97
C LEU B 291 22.76 -22.71 -6.53
N THR B 292 21.73 -23.56 -6.34
CA THR B 292 21.34 -23.93 -4.96
C THR B 292 22.41 -24.84 -4.34
N ASP B 293 23.06 -25.70 -5.15
CA ASP B 293 24.12 -26.61 -4.66
CA ASP B 293 24.09 -26.57 -4.61
C ASP B 293 25.40 -25.84 -4.40
N GLU B 294 25.76 -24.92 -5.31
CA GLU B 294 26.96 -24.11 -5.13
C GLU B 294 26.80 -23.14 -3.93
N PHE B 295 25.52 -22.85 -3.50
CA PHE B 295 25.28 -22.06 -2.29
C PHE B 295 25.65 -22.88 -1.04
N GLY B 296 25.56 -24.20 -1.17
CA GLY B 296 25.89 -25.13 -0.11
C GLY B 296 24.69 -25.88 0.43
N ILE B 297 23.53 -25.73 -0.22
CA ILE B 297 22.30 -26.37 0.23
C ILE B 297 22.21 -27.82 -0.23
N SER B 298 21.84 -28.72 0.68
CA SER B 298 21.62 -30.15 0.43
C SER B 298 20.44 -30.34 -0.55
N ARG B 299 20.53 -31.34 -1.47
CA ARG B 299 19.49 -31.66 -2.46
CA ARG B 299 19.49 -31.68 -2.46
C ARG B 299 18.11 -31.96 -1.84
N ASP B 300 18.08 -32.62 -0.64
CA ASP B 300 16.86 -32.95 0.11
C ASP B 300 16.31 -31.67 0.79
N ASN B 301 17.11 -30.59 0.77
CA ASN B 301 16.73 -29.31 1.34
C ASN B 301 16.40 -28.28 0.24
N VAL B 302 16.32 -28.73 -1.02
CA VAL B 302 15.94 -27.94 -2.19
C VAL B 302 14.56 -28.51 -2.63
N PHE B 303 13.57 -27.63 -2.70
CA PHE B 303 12.20 -27.95 -3.09
C PHE B 303 11.97 -27.11 -4.34
N GLU B 304 12.34 -27.69 -5.47
CA GLU B 304 12.32 -27.01 -6.76
C GLU B 304 10.96 -26.64 -7.29
N PHE B 305 10.98 -25.72 -8.26
CA PHE B 305 9.85 -25.35 -9.09
C PHE B 305 10.37 -25.22 -10.52
N TRP B 306 9.52 -24.81 -11.48
CA TRP B 306 9.92 -24.86 -12.88
C TRP B 306 9.80 -23.54 -13.62
N ASP B 307 10.56 -23.40 -14.72
CA ASP B 307 10.62 -22.19 -15.56
C ASP B 307 9.27 -21.72 -16.07
N TRP B 308 8.31 -22.65 -16.28
CA TRP B 308 6.96 -22.35 -16.74
C TRP B 308 6.02 -21.81 -15.64
N VAL B 309 6.59 -21.55 -14.44
CA VAL B 309 5.92 -20.96 -13.27
C VAL B 309 6.47 -19.54 -13.16
N GLY B 310 5.66 -18.55 -13.53
CA GLY B 310 6.08 -17.16 -13.39
C GLY B 310 6.10 -16.79 -11.92
N GLY B 311 7.04 -15.95 -11.51
CA GLY B 311 7.16 -15.53 -10.12
C GLY B 311 5.87 -15.05 -9.48
N ARG B 312 5.14 -14.18 -10.17
CA ARG B 312 3.85 -13.61 -9.73
C ARG B 312 2.69 -14.63 -9.81
N PHE B 313 2.98 -15.86 -10.28
CA PHE B 313 2.04 -16.98 -10.37
C PHE B 313 2.62 -18.18 -9.59
N SER B 314 3.61 -17.94 -8.70
CA SER B 314 4.37 -18.97 -8.00
C SER B 314 3.95 -19.42 -6.61
N VAL B 315 2.96 -18.77 -5.96
CA VAL B 315 2.52 -19.20 -4.62
C VAL B 315 2.05 -20.69 -4.56
N THR B 316 1.39 -21.19 -5.62
CA THR B 316 0.92 -22.58 -5.65
C THR B 316 2.05 -23.63 -5.85
N SER B 317 3.28 -23.15 -6.05
CA SER B 317 4.47 -24.01 -6.15
C SER B 317 5.14 -24.04 -4.77
N SER B 318 6.29 -24.73 -4.65
CA SER B 318 7.06 -24.80 -3.41
C SER B 318 7.32 -23.43 -2.78
N VAL B 319 7.31 -22.34 -3.59
CA VAL B 319 7.48 -20.93 -3.19
C VAL B 319 6.59 -20.59 -2.00
N GLY B 320 5.31 -20.93 -2.11
CA GLY B 320 4.32 -20.70 -1.06
C GLY B 320 4.01 -21.97 -0.28
N ILE B 321 3.79 -23.08 -0.99
CA ILE B 321 3.45 -24.37 -0.38
C ILE B 321 4.45 -24.86 0.68
N LEU B 322 5.78 -24.61 0.50
CA LEU B 322 6.75 -24.99 1.53
C LEU B 322 6.60 -24.18 2.84
N PRO B 323 6.77 -22.82 2.84
CA PRO B 323 6.62 -22.09 4.11
C PRO B 323 5.21 -22.16 4.69
N LEU B 324 4.17 -22.15 3.84
CA LEU B 324 2.79 -22.19 4.32
C LEU B 324 2.40 -23.53 4.96
N SER B 325 2.98 -24.67 4.49
CA SER B 325 2.73 -26.00 5.05
C SER B 325 3.44 -26.16 6.40
N ILE B 326 4.59 -25.48 6.59
CA ILE B 326 5.32 -25.50 7.85
C ILE B 326 4.48 -24.74 8.86
N ALA B 327 3.98 -23.59 8.47
CA ALA B 327 3.17 -22.74 9.33
C ALA B 327 1.81 -23.31 9.71
N PHE B 328 1.07 -23.88 8.74
CA PHE B 328 -0.31 -24.30 8.88
C PHE B 328 -0.64 -25.78 8.75
N GLY B 329 0.30 -26.56 8.26
CA GLY B 329 0.07 -27.97 7.99
C GLY B 329 -0.20 -28.17 6.51
N TYR B 330 0.27 -29.28 5.95
CA TYR B 330 0.09 -29.58 4.54
C TYR B 330 -1.36 -29.77 4.13
N LYS B 331 -2.15 -30.48 4.97
CA LYS B 331 -3.57 -30.76 4.73
C LYS B 331 -4.37 -29.51 4.40
N ASN B 332 -4.10 -28.41 5.13
CA ASN B 332 -4.70 -27.09 4.91
C ASN B 332 -4.30 -26.56 3.54
N MET B 333 -3.00 -26.71 3.19
CA MET B 333 -2.45 -26.25 1.92
C MET B 333 -2.97 -27.04 0.75
N ARG B 334 -3.25 -28.35 0.95
CA ARG B 334 -3.85 -29.21 -0.08
C ARG B 334 -5.27 -28.68 -0.44
N ASN B 335 -6.05 -28.24 0.59
CA ASN B 335 -7.37 -27.63 0.43
C ASN B 335 -7.28 -26.30 -0.32
N PHE B 336 -6.21 -25.52 -0.06
CA PHE B 336 -5.93 -24.27 -0.77
C PHE B 336 -5.69 -24.59 -2.28
N LEU B 337 -4.86 -25.62 -2.56
CA LEU B 337 -4.61 -26.03 -3.96
C LEU B 337 -5.90 -26.43 -4.68
N ASN B 338 -6.78 -27.20 -3.97
CA ASN B 338 -8.07 -27.67 -4.44
C ASN B 338 -8.99 -26.50 -4.86
N GLY B 339 -8.96 -25.41 -4.08
CA GLY B 339 -9.70 -24.19 -4.35
C GLY B 339 -9.21 -23.50 -5.61
N CYS B 340 -7.87 -23.40 -5.77
CA CYS B 340 -7.23 -22.81 -6.96
C CYS B 340 -7.69 -23.60 -8.18
N HIS B 341 -7.63 -24.95 -8.07
CA HIS B 341 -7.98 -25.90 -9.14
C HIS B 341 -9.44 -25.80 -9.58
N ASP B 342 -10.40 -25.72 -8.62
CA ASP B 342 -11.83 -25.57 -8.95
C ASP B 342 -12.11 -24.32 -9.74
N MET B 343 -11.45 -23.19 -9.37
CA MET B 343 -11.58 -21.91 -10.05
C MET B 343 -10.87 -22.00 -11.43
N ASP B 344 -9.72 -22.68 -11.54
CA ASP B 344 -9.02 -22.92 -12.82
C ASP B 344 -9.96 -23.65 -13.78
N GLU B 345 -10.64 -24.71 -13.27
CA GLU B 345 -11.61 -25.50 -14.04
C GLU B 345 -12.77 -24.64 -14.53
N HIS B 346 -13.31 -23.78 -13.65
CA HIS B 346 -14.38 -22.83 -14.01
C HIS B 346 -13.88 -21.88 -15.11
N PHE B 347 -12.68 -21.31 -14.94
CA PHE B 347 -12.03 -20.42 -15.91
C PHE B 347 -11.92 -21.05 -17.31
N LEU B 348 -11.42 -22.30 -17.35
CA LEU B 348 -11.23 -23.03 -18.59
C LEU B 348 -12.53 -23.47 -19.25
N HIS B 349 -13.48 -24.06 -18.47
CA HIS B 349 -14.72 -24.65 -18.99
C HIS B 349 -15.98 -23.78 -19.09
N ALA B 350 -16.20 -22.84 -18.15
CA ALA B 350 -17.43 -22.01 -18.20
C ALA B 350 -17.54 -21.18 -19.49
N ASP B 351 -18.81 -20.99 -19.97
CA ASP B 351 -19.10 -20.22 -21.19
C ASP B 351 -18.82 -18.78 -20.81
N LEU B 352 -18.26 -18.00 -21.76
CA LEU B 352 -17.84 -16.62 -21.54
C LEU B 352 -18.85 -15.76 -20.80
N LYS B 353 -20.13 -15.81 -21.22
CA LYS B 353 -21.23 -15.05 -20.64
C LYS B 353 -21.41 -15.34 -19.14
N GLU B 354 -20.96 -16.53 -18.67
CA GLU B 354 -21.07 -17.00 -17.28
C GLU B 354 -19.69 -17.29 -16.62
N ASN B 355 -18.59 -16.86 -17.26
CA ASN B 355 -17.24 -17.11 -16.76
C ASN B 355 -16.80 -15.93 -15.91
N ILE B 356 -16.79 -16.12 -14.58
CA ILE B 356 -16.46 -15.08 -13.58
C ILE B 356 -15.12 -14.33 -13.83
N PRO B 357 -13.95 -15.02 -13.97
CA PRO B 357 -12.70 -14.27 -14.22
C PRO B 357 -12.70 -13.52 -15.56
N VAL B 358 -13.33 -14.13 -16.62
CA VAL B 358 -13.44 -13.53 -17.94
C VAL B 358 -14.30 -12.24 -17.88
N LEU B 359 -15.44 -12.27 -17.18
CA LEU B 359 -16.33 -11.13 -17.02
C LEU B 359 -15.66 -9.99 -16.19
N LEU B 360 -14.77 -10.36 -15.23
CA LEU B 360 -14.00 -9.43 -14.40
C LEU B 360 -12.93 -8.76 -15.28
N ALA B 361 -12.26 -9.54 -16.13
CA ALA B 361 -11.27 -9.05 -17.09
C ALA B 361 -11.91 -8.10 -18.12
N LEU B 362 -13.12 -8.47 -18.65
CA LEU B 362 -13.85 -7.69 -19.65
C LEU B 362 -14.27 -6.34 -19.11
N THR B 363 -14.74 -6.31 -17.86
CA THR B 363 -15.19 -5.12 -17.14
C THR B 363 -14.04 -4.12 -17.00
N SER B 364 -12.88 -4.62 -16.52
CA SER B 364 -11.62 -3.92 -16.31
C SER B 364 -11.14 -3.30 -17.64
N PHE B 365 -11.13 -4.12 -18.71
CA PHE B 365 -10.75 -3.77 -20.06
C PHE B 365 -11.66 -2.67 -20.60
N TYR B 366 -12.99 -2.79 -20.34
CA TYR B 366 -14.03 -1.85 -20.75
C TYR B 366 -13.85 -0.47 -20.10
N ASN B 367 -13.69 -0.44 -18.76
CA ASN B 367 -13.46 0.79 -18.00
C ASN B 367 -12.20 1.51 -18.43
N SER B 368 -11.09 0.75 -18.63
CA SER B 368 -9.79 1.28 -19.03
C SER B 368 -9.80 1.85 -20.44
N HIS B 369 -10.31 1.08 -21.39
CA HIS B 369 -10.31 1.44 -22.79
C HIS B 369 -11.36 2.43 -23.23
N PHE B 370 -12.61 2.24 -22.78
CA PHE B 370 -13.75 3.04 -23.22
C PHE B 370 -14.15 4.19 -22.32
N PHE B 371 -13.63 4.22 -21.08
CA PHE B 371 -13.94 5.30 -20.13
C PHE B 371 -12.68 5.99 -19.64
N ASP B 372 -11.51 5.47 -20.01
CA ASP B 372 -10.20 5.98 -19.59
C ASP B 372 -9.99 5.92 -18.06
N TYR B 373 -10.57 4.90 -17.41
CA TYR B 373 -10.40 4.71 -15.98
C TYR B 373 -9.15 3.84 -15.84
N LYS B 374 -8.00 4.51 -15.64
CA LYS B 374 -6.67 3.90 -15.60
C LYS B 374 -6.16 3.47 -14.23
N ASN B 375 -7.09 3.30 -13.26
CA ASN B 375 -6.79 2.83 -11.91
C ASN B 375 -7.75 1.76 -11.48
N VAL B 376 -7.31 0.91 -10.53
CA VAL B 376 -8.12 -0.13 -9.92
C VAL B 376 -7.83 -0.09 -8.42
N ALA B 377 -8.88 0.12 -7.60
CA ALA B 377 -8.70 0.09 -6.15
C ALA B 377 -9.15 -1.28 -5.65
N ILE B 378 -8.21 -2.05 -5.06
CA ILE B 378 -8.46 -3.37 -4.47
C ILE B 378 -8.75 -3.12 -3.01
N LEU B 379 -10.03 -3.26 -2.63
CA LEU B 379 -10.51 -2.90 -1.30
C LEU B 379 -11.18 -4.04 -0.55
N PRO B 380 -10.37 -4.90 0.12
CA PRO B 380 -10.97 -6.01 0.87
C PRO B 380 -11.52 -5.57 2.24
N TYR B 381 -12.80 -5.86 2.49
CA TYR B 381 -13.43 -5.52 3.77
C TYR B 381 -13.15 -6.66 4.76
N PHE B 382 -11.85 -6.89 4.98
CA PHE B 382 -11.31 -7.95 5.83
C PHE B 382 -9.86 -7.59 6.13
N GLN B 383 -9.57 -7.25 7.40
CA GLN B 383 -8.24 -6.85 7.84
C GLN B 383 -7.20 -7.92 7.55
N ASN B 384 -7.61 -9.20 7.67
CA ASN B 384 -6.70 -10.33 7.39
C ASN B 384 -6.23 -10.38 5.93
N LEU B 385 -6.90 -9.62 5.03
CA LEU B 385 -6.52 -9.46 3.63
C LEU B 385 -5.58 -8.24 3.37
N LEU B 386 -4.98 -7.68 4.46
CA LEU B 386 -4.06 -6.54 4.43
C LEU B 386 -2.84 -6.68 3.47
N LYS B 387 -2.49 -7.93 3.08
CA LYS B 387 -1.37 -8.17 2.16
C LYS B 387 -1.81 -8.64 0.77
N PHE B 388 -3.12 -8.66 0.50
CA PHE B 388 -3.68 -9.06 -0.78
C PHE B 388 -3.36 -8.07 -1.90
N SER B 389 -3.66 -6.76 -1.72
CA SER B 389 -3.41 -5.74 -2.76
C SER B 389 -1.94 -5.64 -3.16
N ALA B 390 -1.00 -5.79 -2.20
CA ALA B 390 0.45 -5.78 -2.50
C ALA B 390 0.76 -6.92 -3.48
N HIS B 391 0.04 -8.05 -3.37
CA HIS B 391 0.24 -9.19 -4.26
C HIS B 391 -0.40 -8.94 -5.63
N ILE B 392 -1.67 -8.47 -5.65
CA ILE B 392 -2.43 -8.13 -6.84
C ILE B 392 -1.73 -7.03 -7.64
N GLN B 393 -1.00 -6.13 -6.96
CA GLN B 393 -0.21 -5.08 -7.60
C GLN B 393 0.83 -5.70 -8.55
N GLN B 394 1.63 -6.68 -8.07
CA GLN B 394 2.64 -7.35 -8.91
C GLN B 394 2.01 -8.19 -10.00
N LEU B 395 1.06 -9.06 -9.59
CA LEU B 395 0.32 -9.95 -10.49
C LEU B 395 -0.26 -9.18 -11.66
N SER B 396 -0.83 -8.01 -11.42
CA SER B 396 -1.47 -7.24 -12.47
C SER B 396 -0.51 -6.33 -13.23
N MET B 397 0.26 -5.50 -12.51
CA MET B 397 1.15 -4.49 -13.10
C MET B 397 2.40 -5.03 -13.78
N GLU B 398 3.03 -6.03 -13.17
CA GLU B 398 4.18 -6.64 -13.81
C GLU B 398 3.74 -7.50 -15.02
N SER B 399 2.53 -8.09 -14.97
CA SER B 399 2.04 -8.89 -16.10
C SER B 399 1.60 -8.01 -17.25
N ASN B 400 0.69 -7.09 -16.95
CA ASN B 400 0.05 -6.29 -17.98
C ASN B 400 0.56 -4.88 -18.25
N GLY B 401 1.55 -4.43 -17.49
CA GLY B 401 2.18 -3.11 -17.70
C GLY B 401 3.17 -3.21 -18.85
N LYS B 402 2.61 -3.35 -20.09
CA LYS B 402 3.32 -3.59 -21.35
C LYS B 402 3.11 -2.51 -22.42
N SER B 403 4.05 -2.41 -23.34
CA SER B 403 4.11 -1.40 -24.41
C SER B 403 4.05 -1.98 -25.83
N VAL B 404 4.27 -3.29 -25.96
CA VAL B 404 4.38 -4.00 -27.25
C VAL B 404 3.38 -5.15 -27.30
N ASP B 405 2.64 -5.28 -28.42
CA ASP B 405 1.61 -6.31 -28.55
C ASP B 405 2.18 -7.71 -28.86
N ARG B 406 1.28 -8.72 -28.93
CA ARG B 406 1.68 -10.09 -29.24
C ARG B 406 2.21 -10.25 -30.70
N ASN B 407 1.91 -9.29 -31.60
CA ASN B 407 2.39 -9.25 -33.00
C ASN B 407 3.72 -8.45 -33.04
N ASN B 408 4.31 -8.20 -31.85
CA ASN B 408 5.57 -7.49 -31.62
C ASN B 408 5.58 -6.05 -32.06
N GLN B 409 4.39 -5.47 -32.17
CA GLN B 409 4.23 -4.07 -32.58
C GLN B 409 4.09 -3.17 -31.37
N PRO B 410 4.87 -2.06 -31.31
CA PRO B 410 4.68 -1.09 -30.21
C PRO B 410 3.22 -0.59 -30.23
N ILE B 411 2.59 -0.55 -29.07
CA ILE B 411 1.20 -0.10 -29.01
C ILE B 411 1.04 1.16 -28.17
N HIS B 412 -0.02 1.93 -28.43
CA HIS B 412 -0.25 3.15 -27.66
CA HIS B 412 -0.28 3.18 -27.72
C HIS B 412 -1.60 3.20 -26.95
N TYR B 413 -2.38 2.13 -27.04
CA TYR B 413 -3.63 2.03 -26.30
C TYR B 413 -3.32 1.66 -24.81
N ASN B 414 -4.30 1.83 -23.93
CA ASN B 414 -4.14 1.55 -22.50
C ASN B 414 -3.81 0.10 -22.18
N THR B 415 -2.79 -0.12 -21.35
CA THR B 415 -2.51 -1.46 -20.87
C THR B 415 -2.92 -1.50 -19.39
N CYS B 416 -2.20 -2.22 -18.52
CA CYS B 416 -2.60 -2.31 -17.12
C CYS B 416 -2.76 -0.98 -16.44
N GLN B 417 -3.80 -0.92 -15.63
CA GLN B 417 -4.14 0.20 -14.76
C GLN B 417 -3.13 0.27 -13.60
N VAL B 418 -3.14 1.39 -12.86
CA VAL B 418 -2.37 1.50 -11.65
C VAL B 418 -3.24 0.88 -10.54
N TYR B 419 -2.71 -0.16 -9.88
CA TYR B 419 -3.38 -0.85 -8.79
C TYR B 419 -2.89 -0.34 -7.44
N PHE B 420 -3.83 -0.16 -6.53
CA PHE B 420 -3.58 0.29 -5.16
C PHE B 420 -4.79 -0.13 -4.31
N GLY B 421 -4.73 0.16 -3.04
CA GLY B 421 -5.79 -0.13 -2.09
C GLY B 421 -5.29 -0.48 -0.72
N GLU B 422 -6.22 -0.41 0.24
CA GLU B 422 -6.06 -0.72 1.67
C GLU B 422 -7.34 -1.46 2.10
N PRO B 423 -7.31 -2.31 3.15
CA PRO B 423 -8.57 -2.94 3.59
C PRO B 423 -9.64 -1.92 4.00
N GLY B 424 -10.91 -2.28 3.78
CA GLY B 424 -12.04 -1.51 4.25
C GLY B 424 -12.25 -1.89 5.72
N THR B 425 -12.63 -0.95 6.61
CA THR B 425 -13.03 0.43 6.36
C THR B 425 -11.86 1.42 6.37
N ASN B 426 -10.65 0.98 6.71
CA ASN B 426 -9.46 1.85 6.76
C ASN B 426 -9.38 2.88 5.64
N GLY B 427 -9.45 2.41 4.39
CA GLY B 427 -9.39 3.26 3.19
C GLY B 427 -10.37 4.42 3.13
N GLN B 428 -11.56 4.24 3.73
CA GLN B 428 -12.63 5.25 3.81
C GLN B 428 -12.18 6.54 4.50
N HIS B 429 -11.20 6.43 5.42
CA HIS B 429 -10.67 7.56 6.20
C HIS B 429 -9.30 7.96 5.64
N SER B 430 -9.00 7.49 4.42
CA SER B 430 -7.73 7.81 3.81
C SER B 430 -7.87 8.47 2.45
N PHE B 431 -8.45 7.75 1.49
CA PHE B 431 -8.51 8.23 0.09
C PHE B 431 -9.86 8.09 -0.57
N TYR B 432 -10.94 7.63 0.14
CA TYR B 432 -12.26 7.50 -0.52
C TYR B 432 -12.83 8.86 -0.87
N GLN B 433 -12.39 9.93 -0.17
CA GLN B 433 -12.74 11.32 -0.47
C GLN B 433 -12.50 11.55 -1.99
N LEU B 434 -11.33 11.12 -2.49
CA LEU B 434 -10.95 11.22 -3.90
C LEU B 434 -11.77 10.28 -4.80
N ILE B 435 -11.99 9.03 -4.37
CA ILE B 435 -12.77 8.02 -5.11
C ILE B 435 -14.23 8.52 -5.32
N HIS B 436 -14.75 9.29 -4.35
CA HIS B 436 -16.09 9.88 -4.39
C HIS B 436 -16.18 11.18 -5.14
N GLN B 437 -15.23 12.12 -4.92
CA GLN B 437 -15.28 13.44 -5.55
C GLN B 437 -14.16 13.85 -6.52
N GLY B 438 -13.02 13.17 -6.48
CA GLY B 438 -11.91 13.45 -7.39
C GLY B 438 -12.02 12.59 -8.63
N GLN B 439 -10.89 12.12 -9.15
CA GLN B 439 -10.92 11.25 -10.32
C GLN B 439 -11.68 9.94 -10.05
N VAL B 440 -12.42 9.46 -11.08
CA VAL B 440 -13.21 8.22 -10.99
C VAL B 440 -12.23 7.06 -10.94
N ILE B 441 -12.37 6.18 -9.93
CA ILE B 441 -11.52 5.02 -9.76
C ILE B 441 -12.39 3.81 -9.54
N PRO B 442 -12.53 2.89 -10.54
CA PRO B 442 -13.36 1.69 -10.33
C PRO B 442 -12.82 0.88 -9.15
N VAL B 443 -13.74 0.46 -8.28
CA VAL B 443 -13.34 -0.27 -7.07
C VAL B 443 -13.68 -1.74 -7.13
N GLU B 444 -12.86 -2.58 -6.49
CA GLU B 444 -13.15 -4.00 -6.40
C GLU B 444 -13.25 -4.32 -4.92
N LEU B 445 -14.49 -4.42 -4.42
CA LEU B 445 -14.78 -4.71 -3.01
C LEU B 445 -14.93 -6.22 -2.75
N ILE B 446 -14.21 -6.73 -1.73
CA ILE B 446 -14.19 -8.15 -1.33
C ILE B 446 -14.68 -8.28 0.10
N GLY B 447 -15.71 -9.07 0.30
CA GLY B 447 -16.31 -9.25 1.62
C GLY B 447 -16.65 -10.67 1.92
N PHE B 448 -16.85 -10.95 3.21
CA PHE B 448 -17.22 -12.27 3.73
C PHE B 448 -18.45 -12.17 4.64
N LYS B 449 -19.22 -13.27 4.70
CA LYS B 449 -20.41 -13.33 5.53
C LYS B 449 -20.04 -13.56 6.99
N HIS B 450 -18.83 -14.14 7.24
CA HIS B 450 -18.31 -14.48 8.56
C HIS B 450 -16.93 -13.92 8.86
N SER B 451 -16.65 -13.73 10.15
CA SER B 451 -15.37 -13.26 10.65
C SER B 451 -14.46 -14.43 11.06
N HIS B 452 -13.14 -14.15 11.20
CA HIS B 452 -12.17 -15.09 11.73
C HIS B 452 -12.17 -14.93 13.26
N PHE B 453 -12.69 -13.78 13.75
CA PHE B 453 -12.78 -13.49 15.18
C PHE B 453 -14.07 -12.74 15.49
N PRO B 454 -15.26 -13.41 15.42
CA PRO B 454 -16.51 -12.69 15.65
C PRO B 454 -16.61 -12.04 17.03
N ILE B 455 -17.10 -10.80 17.05
CA ILE B 455 -17.32 -10.04 18.26
C ILE B 455 -18.76 -9.51 18.25
N LYS B 456 -19.42 -9.61 19.41
CA LYS B 456 -20.75 -9.09 19.67
C LYS B 456 -20.95 -8.93 21.17
N PHE B 457 -21.44 -7.76 21.57
CA PHE B 457 -21.79 -7.41 22.95
C PHE B 457 -23.28 -7.09 22.99
N ASP B 458 -23.97 -7.46 24.08
CA ASP B 458 -25.42 -7.26 24.22
CA ASP B 458 -25.42 -7.26 24.22
C ASP B 458 -25.92 -5.83 24.10
N LYS B 459 -25.12 -4.83 24.53
CA LYS B 459 -25.53 -3.42 24.43
C LYS B 459 -25.46 -2.84 23.00
N GLU B 460 -24.70 -3.51 22.11
CA GLU B 460 -24.48 -3.10 20.72
C GLU B 460 -25.65 -3.35 19.79
N VAL B 461 -25.92 -2.38 18.91
CA VAL B 461 -26.96 -2.43 17.88
C VAL B 461 -26.63 -3.61 16.91
N VAL B 462 -25.35 -3.75 16.53
CA VAL B 462 -24.86 -4.81 15.62
C VAL B 462 -23.54 -5.45 16.09
N SER B 463 -23.26 -6.67 15.56
CA SER B 463 -21.98 -7.35 15.77
C SER B 463 -20.89 -6.50 15.05
N ASN B 464 -19.63 -6.54 15.52
CA ASN B 464 -18.54 -5.76 14.90
C ASN B 464 -18.39 -6.10 13.41
N HIS B 465 -18.55 -7.38 13.05
CA HIS B 465 -18.50 -7.81 11.65
C HIS B 465 -19.59 -7.17 10.81
N ASP B 466 -20.81 -7.08 11.36
CA ASP B 466 -21.94 -6.44 10.68
C ASP B 466 -21.67 -4.97 10.51
N GLU B 467 -21.05 -4.33 11.54
CA GLU B 467 -20.72 -2.89 11.48
C GLU B 467 -19.80 -2.61 10.29
N LEU B 468 -18.76 -3.47 10.13
CA LEU B 468 -17.81 -3.47 9.03
C LEU B 468 -18.57 -3.60 7.69
N MET B 469 -19.49 -4.59 7.62
CA MET B 469 -20.24 -4.89 6.42
C MET B 469 -21.28 -3.86 5.96
N THR B 470 -21.74 -2.99 6.87
CA THR B 470 -22.68 -1.91 6.51
C THR B 470 -22.04 -1.03 5.44
N ASN B 471 -20.73 -0.82 5.58
CA ASN B 471 -19.87 -0.01 4.72
C ASN B 471 -19.66 -0.64 3.35
N PHE B 472 -19.50 -1.97 3.32
CA PHE B 472 -19.27 -2.76 2.12
C PHE B 472 -20.38 -2.50 1.11
N PHE B 473 -21.65 -2.62 1.55
CA PHE B 473 -22.87 -2.38 0.76
C PHE B 473 -23.07 -0.91 0.49
N ALA B 474 -22.95 -0.07 1.52
CA ALA B 474 -23.16 1.38 1.41
C ALA B 474 -22.23 2.09 0.44
N GLN B 475 -20.91 1.81 0.50
CA GLN B 475 -19.90 2.45 -0.39
C GLN B 475 -20.21 2.22 -1.87
N ALA B 476 -20.60 0.99 -2.23
CA ALA B 476 -20.96 0.59 -3.58
C ALA B 476 -22.14 1.43 -4.08
N ASP B 477 -23.15 1.61 -3.20
CA ASP B 477 -24.34 2.37 -3.54
C ASP B 477 -24.07 3.83 -3.63
N ALA B 478 -23.30 4.38 -2.67
CA ALA B 478 -22.92 5.79 -2.62
C ALA B 478 -22.19 6.18 -3.90
N LEU B 479 -21.26 5.31 -4.34
CA LEU B 479 -20.50 5.53 -5.57
C LEU B 479 -21.35 5.53 -6.81
N ALA B 480 -22.28 4.56 -6.92
CA ALA B 480 -23.15 4.38 -8.08
C ALA B 480 -24.22 5.44 -8.21
N ILE B 481 -24.87 5.77 -7.10
CA ILE B 481 -26.03 6.67 -7.09
C ILE B 481 -25.71 8.16 -6.89
N GLY B 482 -24.85 8.47 -5.91
CA GLY B 482 -24.48 9.84 -5.61
C GLY B 482 -25.60 10.61 -4.92
N LYS B 483 -25.55 11.94 -5.02
CA LYS B 483 -26.48 12.88 -4.39
C LYS B 483 -26.41 14.17 -5.20
N THR B 484 -27.50 14.52 -5.87
CA THR B 484 -27.59 15.72 -6.72
C THR B 484 -27.56 17.02 -5.91
N TYR B 485 -27.36 18.15 -6.63
CA TYR B 485 -27.44 19.51 -6.07
C TYR B 485 -28.81 19.74 -5.44
N GLU B 486 -29.88 19.26 -6.14
CA GLU B 486 -31.27 19.40 -5.68
CA GLU B 486 -31.27 19.38 -5.72
C GLU B 486 -31.48 18.69 -4.36
N GLN B 487 -30.96 17.45 -4.21
CA GLN B 487 -31.05 16.68 -2.96
C GLN B 487 -30.26 17.38 -1.83
N VAL B 488 -29.09 17.97 -2.17
CA VAL B 488 -28.27 18.74 -1.24
C VAL B 488 -29.02 20.03 -0.79
N LYS B 489 -29.69 20.73 -1.76
CA LYS B 489 -30.46 21.95 -1.51
C LYS B 489 -31.65 21.65 -0.59
N GLU B 490 -32.33 20.48 -0.81
CA GLU B 490 -33.48 20.02 -0.03
CA GLU B 490 -33.48 20.02 -0.02
C GLU B 490 -33.10 19.82 1.43
N GLU B 491 -31.97 19.11 1.70
CA GLU B 491 -31.54 18.87 3.07
CA GLU B 491 -31.48 18.85 3.05
C GLU B 491 -30.85 20.07 3.75
N ASN B 492 -30.73 21.21 3.01
CA ASN B 492 -30.17 22.47 3.53
C ASN B 492 -31.26 23.36 4.18
N GLU B 493 -32.55 23.02 3.97
CA GLU B 493 -33.70 23.75 4.55
C GLU B 493 -33.62 23.67 6.10
N LYS B 494 -33.02 22.58 6.62
CA LYS B 494 -32.80 22.32 8.03
C LYS B 494 -31.33 22.57 8.42
N ASN B 495 -30.35 22.16 7.56
CA ASN B 495 -28.92 22.35 7.82
C ASN B 495 -28.49 23.81 7.91
N LYS B 496 -28.99 24.64 6.98
CA LYS B 496 -28.72 26.07 6.90
C LYS B 496 -27.27 26.49 6.70
N MET B 497 -26.56 25.79 5.79
CA MET B 497 -25.21 26.12 5.34
C MET B 497 -25.39 27.32 4.38
N SER B 498 -24.37 28.21 4.30
CA SER B 498 -24.38 29.37 3.40
C SER B 498 -24.59 28.78 1.99
N PRO B 499 -25.71 29.10 1.31
CA PRO B 499 -26.05 28.40 0.05
C PRO B 499 -24.98 28.23 -1.03
N GLU B 500 -24.02 29.16 -1.10
CA GLU B 500 -22.95 29.11 -2.10
C GLU B 500 -21.98 27.93 -1.90
N LEU B 501 -21.93 27.38 -0.68
CA LEU B 501 -21.07 26.26 -0.27
C LEU B 501 -21.65 24.86 -0.59
N LEU B 502 -22.94 24.79 -0.99
CA LEU B 502 -23.64 23.54 -1.28
C LEU B 502 -23.04 22.68 -2.39
N THR B 503 -22.37 23.31 -3.35
CA THR B 503 -21.71 22.61 -4.45
C THR B 503 -20.66 21.58 -3.96
N HIS B 504 -20.05 21.83 -2.77
CA HIS B 504 -19.04 20.98 -2.14
C HIS B 504 -19.59 19.65 -1.66
N LYS B 505 -20.92 19.57 -1.46
CA LYS B 505 -21.62 18.38 -0.95
C LYS B 505 -22.25 17.53 -2.07
N VAL B 506 -22.01 17.92 -3.34
CA VAL B 506 -22.54 17.18 -4.50
C VAL B 506 -21.66 15.95 -4.78
N PHE B 507 -22.32 14.80 -5.01
CA PHE B 507 -21.77 13.51 -5.38
C PHE B 507 -22.38 13.15 -6.74
N ASN B 508 -21.60 13.24 -7.79
CA ASN B 508 -22.06 13.01 -9.17
C ASN B 508 -22.53 11.59 -9.48
N GLY B 509 -22.07 10.62 -8.69
CA GLY B 509 -22.45 9.24 -8.91
C GLY B 509 -21.85 8.65 -10.16
N ASN B 510 -22.41 7.52 -10.63
CA ASN B 510 -21.92 6.81 -11.81
C ASN B 510 -20.47 6.34 -11.69
N ARG B 511 -20.03 6.11 -10.44
CA ARG B 511 -18.70 5.63 -10.10
C ARG B 511 -18.77 4.12 -9.91
N PRO B 512 -18.09 3.35 -10.81
CA PRO B 512 -18.27 1.88 -10.81
C PRO B 512 -17.64 1.05 -9.70
N SER B 513 -18.29 -0.08 -9.40
CA SER B 513 -17.79 -1.04 -8.42
C SER B 513 -18.23 -2.44 -8.75
N THR B 514 -17.38 -3.40 -8.35
CA THR B 514 -17.62 -4.84 -8.40
C THR B 514 -17.64 -5.27 -6.94
N LEU B 515 -18.59 -6.14 -6.59
CA LEU B 515 -18.67 -6.67 -5.24
C LEU B 515 -18.46 -8.17 -5.27
N LEU B 516 -17.46 -8.64 -4.52
CA LEU B 516 -17.16 -10.07 -4.37
C LEU B 516 -17.59 -10.42 -2.95
N LEU B 517 -18.65 -11.24 -2.83
CA LEU B 517 -19.13 -11.62 -1.50
C LEU B 517 -19.03 -13.11 -1.34
N PHE B 518 -18.11 -13.54 -0.48
CA PHE B 518 -17.87 -14.94 -0.14
C PHE B 518 -18.55 -15.28 1.18
N ASP B 519 -18.74 -16.56 1.43
CA ASP B 519 -19.37 -16.97 2.67
C ASP B 519 -18.36 -16.88 3.82
N GLU B 520 -17.16 -17.40 3.61
CA GLU B 520 -16.13 -17.54 4.64
C GLU B 520 -14.74 -17.54 4.02
N LEU B 521 -13.71 -17.03 4.74
CA LEU B 521 -12.34 -17.11 4.24
C LEU B 521 -11.62 -18.31 4.89
N ASN B 522 -11.80 -19.47 4.28
CA ASN B 522 -11.13 -20.70 4.70
C ASN B 522 -10.01 -20.97 3.67
N PHE B 523 -9.20 -22.04 3.85
CA PHE B 523 -8.11 -22.34 2.91
C PHE B 523 -8.59 -22.54 1.48
N TYR B 524 -9.75 -23.19 1.32
CA TYR B 524 -10.35 -23.47 0.02
C TYR B 524 -10.75 -22.17 -0.72
N THR B 525 -11.45 -21.29 0.00
CA THR B 525 -11.94 -20.00 -0.48
C THR B 525 -10.77 -19.06 -0.83
N CYS B 526 -9.69 -19.11 -0.04
CA CYS B 526 -8.50 -18.30 -0.30
C CYS B 526 -7.87 -18.66 -1.65
N GLY B 527 -7.94 -19.96 -2.00
CA GLY B 527 -7.45 -20.52 -3.27
C GLY B 527 -8.33 -20.08 -4.42
N LEU B 528 -9.64 -20.02 -4.16
CA LEU B 528 -10.68 -19.57 -5.11
C LEU B 528 -10.36 -18.09 -5.46
N LEU B 529 -10.06 -17.29 -4.42
CA LEU B 529 -9.74 -15.87 -4.57
C LEU B 529 -8.44 -15.64 -5.34
N LEU B 530 -7.41 -16.45 -5.06
CA LEU B 530 -6.13 -16.35 -5.74
C LEU B 530 -6.26 -16.66 -7.24
N SER B 531 -6.84 -17.84 -7.56
CA SER B 531 -7.08 -18.24 -8.94
C SER B 531 -8.00 -17.28 -9.67
N LEU B 532 -8.98 -16.68 -8.96
CA LEU B 532 -9.89 -15.72 -9.60
C LEU B 532 -9.06 -14.59 -10.23
N TYR B 533 -8.11 -14.02 -9.45
CA TYR B 533 -7.24 -12.95 -9.90
C TYR B 533 -6.20 -13.34 -10.90
N GLU B 534 -5.58 -14.51 -10.72
CA GLU B 534 -4.60 -15.06 -11.67
C GLU B 534 -5.32 -15.26 -13.00
N SER B 535 -6.53 -15.87 -12.97
CA SER B 535 -7.36 -16.12 -14.16
C SER B 535 -7.76 -14.82 -14.86
N ARG B 536 -8.17 -13.80 -14.06
CA ARG B 536 -8.58 -12.48 -14.56
C ARG B 536 -7.42 -11.83 -15.32
N ILE B 537 -6.20 -11.88 -14.76
CA ILE B 537 -5.03 -11.26 -15.38
C ILE B 537 -4.62 -11.90 -16.71
N VAL B 538 -4.64 -13.26 -16.76
CA VAL B 538 -4.41 -14.08 -17.95
C VAL B 538 -5.43 -13.71 -19.03
N ALA B 539 -6.72 -13.68 -18.69
CA ALA B 539 -7.77 -13.31 -19.64
C ALA B 539 -7.58 -11.88 -20.17
N GLU B 540 -7.26 -10.93 -19.28
CA GLU B 540 -7.05 -9.53 -19.65
C GLU B 540 -5.85 -9.30 -20.56
N GLY B 541 -4.76 -10.04 -20.35
CA GLY B 541 -3.57 -9.95 -21.20
C GLY B 541 -3.88 -10.28 -22.64
N PHE B 542 -4.71 -11.33 -22.86
CA PHE B 542 -5.17 -11.76 -24.17
C PHE B 542 -6.16 -10.75 -24.75
N LEU B 543 -7.00 -10.12 -23.89
CA LEU B 543 -7.95 -9.08 -24.33
C LEU B 543 -7.17 -7.86 -24.80
N LEU B 544 -6.05 -7.56 -24.11
CA LEU B 544 -5.15 -6.43 -24.37
C LEU B 544 -4.16 -6.75 -25.47
N ASN B 545 -4.07 -8.04 -25.83
CA ASN B 545 -3.18 -8.60 -26.85
C ASN B 545 -1.72 -8.33 -26.57
N ILE B 546 -1.31 -8.61 -25.33
CA ILE B 546 0.07 -8.44 -24.88
C ILE B 546 0.53 -9.75 -24.23
N ASN B 547 1.83 -9.83 -23.92
CA ASN B 547 2.38 -10.97 -23.22
C ASN B 547 2.34 -10.65 -21.74
N SER B 548 1.50 -11.39 -21.00
CA SER B 548 1.33 -11.26 -19.56
C SER B 548 2.43 -11.96 -18.80
N PHE B 549 3.23 -12.74 -19.53
CA PHE B 549 4.19 -13.65 -18.93
C PHE B 549 5.66 -13.27 -18.88
N ASP B 550 6.06 -12.20 -19.58
CA ASP B 550 7.45 -11.70 -19.53
C ASP B 550 7.57 -10.46 -18.63
N GLN B 551 8.80 -9.95 -18.45
CA GLN B 551 9.11 -8.76 -17.65
C GLN B 551 10.46 -8.16 -18.09
N TRP B 552 10.55 -7.75 -19.37
CA TRP B 552 11.76 -7.17 -19.94
C TRP B 552 12.07 -5.78 -19.35
N GLY B 553 11.03 -5.12 -18.84
CA GLY B 553 11.05 -3.78 -18.26
C GLY B 553 11.80 -3.60 -16.96
N VAL B 554 12.21 -4.68 -16.29
CA VAL B 554 12.97 -4.62 -15.05
C VAL B 554 14.50 -4.71 -15.26
N GLU B 555 14.92 -5.01 -16.51
CA GLU B 555 16.33 -5.24 -16.83
C GLU B 555 17.25 -4.05 -16.82
N LEU B 556 16.82 -2.91 -17.38
CA LEU B 556 17.63 -1.70 -17.47
C LEU B 556 18.15 -1.20 -16.09
N GLY B 557 17.28 -1.22 -15.07
CA GLY B 557 17.62 -0.79 -13.72
C GLY B 557 18.62 -1.71 -13.04
N LYS B 558 18.59 -3.01 -13.36
CA LYS B 558 19.54 -4.00 -12.81
C LYS B 558 20.93 -3.73 -13.39
N VAL B 559 21.01 -3.52 -14.74
CA VAL B 559 22.25 -3.23 -15.49
C VAL B 559 22.89 -1.98 -14.92
N LEU B 560 22.10 -0.88 -14.79
CA LEU B 560 22.63 0.37 -14.30
C LEU B 560 23.09 0.34 -12.86
N ALA B 561 22.39 -0.42 -12.00
CA ALA B 561 22.76 -0.56 -10.57
C ALA B 561 24.09 -1.29 -10.40
N LYS B 562 24.39 -2.27 -11.28
CA LYS B 562 25.66 -3.03 -11.24
C LYS B 562 26.85 -2.10 -11.51
N GLU B 563 26.63 -1.12 -12.40
CA GLU B 563 27.61 -0.09 -12.74
C GLU B 563 27.89 0.78 -11.48
N VAL B 564 26.80 1.24 -10.80
CA VAL B 564 26.91 2.02 -9.56
C VAL B 564 27.60 1.20 -8.46
N ARG B 565 27.29 -0.12 -8.38
CA ARG B 565 27.89 -1.02 -7.38
C ARG B 565 29.43 -1.03 -7.54
N ASN B 566 29.92 -1.28 -8.78
CA ASN B 566 31.33 -1.27 -9.15
C ASN B 566 31.96 0.06 -8.81
N TYR B 567 31.29 1.18 -9.15
CA TYR B 567 31.75 2.54 -8.87
C TYR B 567 31.91 2.72 -7.37
N PHE B 568 30.91 2.26 -6.57
CA PHE B 568 30.96 2.36 -5.10
C PHE B 568 32.13 1.57 -4.56
N ASN B 569 32.39 0.38 -5.11
CA ASN B 569 33.48 -0.45 -4.65
C ASN B 569 34.85 0.18 -4.93
N ASP B 570 35.07 0.71 -6.15
CA ASP B 570 36.28 1.42 -6.55
C ASP B 570 36.55 2.67 -5.74
N THR B 571 35.51 3.48 -5.45
CA THR B 571 35.65 4.75 -4.72
C THR B 571 35.81 4.56 -3.23
N ARG B 572 34.96 3.73 -2.58
CA ARG B 572 35.04 3.47 -1.14
C ARG B 572 36.40 2.86 -0.74
N ASN B 573 36.95 2.00 -1.61
CA ASN B 573 38.21 1.31 -1.38
C ASN B 573 39.44 2.02 -1.99
N GLN B 574 39.23 3.23 -2.54
CA GLN B 574 40.28 4.05 -3.16
C GLN B 574 41.20 3.25 -4.15
N LYS B 575 40.59 2.40 -5.03
CA LYS B 575 41.32 1.57 -5.99
C LYS B 575 40.67 1.48 -7.38
N LYS B 576 41.44 1.78 -8.47
CA LYS B 576 40.97 1.74 -9.86
C LYS B 576 40.64 0.30 -10.32
N SER B 577 39.87 0.17 -11.43
CA SER B 577 39.50 -1.14 -11.97
C SER B 577 39.28 -1.07 -13.50
N ASP B 578 39.05 -2.25 -14.12
CA ASP B 578 38.80 -2.41 -15.55
C ASP B 578 37.50 -1.73 -16.01
N ASN B 579 36.58 -1.41 -15.06
CA ASN B 579 35.29 -0.76 -15.35
C ASN B 579 35.47 0.71 -15.70
N THR B 580 34.70 1.17 -16.70
CA THR B 580 34.69 2.56 -17.17
C THR B 580 33.30 3.13 -16.93
N TYR B 581 33.21 4.32 -16.32
CA TYR B 581 31.91 4.91 -15.98
C TYR B 581 31.54 6.12 -16.80
N ASN B 582 30.29 6.13 -17.26
CA ASN B 582 29.74 7.27 -17.96
C ASN B 582 28.42 7.69 -17.30
N PHE B 583 28.55 8.38 -16.13
CA PHE B 583 27.41 8.85 -15.38
C PHE B 583 27.01 10.21 -15.88
N ASN B 584 25.69 10.49 -15.95
CA ASN B 584 25.25 11.81 -16.39
C ASN B 584 25.62 12.91 -15.37
N GLU B 585 25.45 14.17 -15.74
CA GLU B 585 25.82 15.30 -14.90
C GLU B 585 25.12 15.35 -13.53
N SER B 586 23.87 14.86 -13.44
CA SER B 586 23.11 14.84 -12.18
C SER B 586 23.59 13.71 -11.28
N THR B 587 23.74 12.48 -11.83
CA THR B 587 24.22 11.32 -11.08
C THR B 587 25.56 11.62 -10.44
N LYS B 588 26.48 12.26 -11.19
CA LYS B 588 27.81 12.65 -10.69
C LYS B 588 27.76 13.54 -9.43
N ILE B 589 26.89 14.57 -9.44
CA ILE B 589 26.72 15.48 -8.31
C ILE B 589 26.19 14.74 -7.07
N LEU B 590 25.12 13.93 -7.24
CA LEU B 590 24.53 13.19 -6.11
C LEU B 590 25.41 12.06 -5.60
N LEU B 591 26.16 11.37 -6.50
CA LEU B 591 27.11 10.33 -6.07
C LEU B 591 28.20 10.95 -5.19
N ASN B 592 28.69 12.18 -5.57
CA ASN B 592 29.71 12.90 -4.81
CA ASN B 592 29.72 12.89 -4.81
C ASN B 592 29.19 13.22 -3.41
N TYR B 593 27.90 13.68 -3.30
CA TYR B 593 27.30 13.96 -2.01
C TYR B 593 27.11 12.65 -1.21
N TYR B 594 26.64 11.59 -1.89
CA TYR B 594 26.41 10.27 -1.28
C TYR B 594 27.67 9.66 -0.65
N LEU B 595 28.82 9.83 -1.33
CA LEU B 595 30.08 9.24 -0.88
C LEU B 595 30.96 10.14 0.00
N SER B 596 30.52 11.38 0.24
CA SER B 596 31.29 12.31 1.06
C SER B 596 31.02 12.09 2.55
N LYS B 597 32.02 12.40 3.40
CA LYS B 597 31.99 12.26 4.86
C LYS B 597 30.91 13.14 5.50
O1 F6P C . -14.04 11.37 8.76
C1 F6P C . -12.80 12.11 8.66
C2 F6P C . -11.77 11.06 8.24
O2 F6P C . -12.17 10.50 6.92
C3 F6P C . -10.35 11.68 8.24
O3 F6P C . -10.33 13.04 7.83
C4 F6P C . -10.05 11.68 9.72
O4 F6P C . -8.74 11.69 10.11
C5 F6P C . -10.80 10.46 10.31
O5 F6P C . -11.73 10.03 9.29
C6 F6P C . -11.51 11.19 11.45
O6 F6P C . -11.42 10.26 12.39
P F6P C . -11.56 11.00 13.78
O1P F6P C . -10.26 11.50 14.28
O2P F6P C . -11.98 9.64 14.53
O3P F6P C . -12.69 12.03 14.13
HO1 F6P C . -14.10 10.92 9.65
H11 F6P C . -12.54 12.58 9.62
H12 F6P C . -12.87 12.92 7.91
HO2 F6P C . -11.56 10.85 6.21
H3 F6P C . -9.66 11.16 7.57
HO3 F6P C . -10.07 13.09 6.87
H4 F6P C . -10.41 12.65 10.11
HO4 F6P C . -8.65 12.21 10.97
H5 F6P C . -10.22 9.58 10.62
H61 F6P C . -12.55 11.44 11.19
H62 F6P C . -11.01 12.13 11.73
P PO4 D . 7.97 22.32 26.46
O1 PO4 D . 8.76 22.97 27.70
O2 PO4 D . 7.32 20.88 26.88
O3 PO4 D . 9.07 22.12 25.31
O4 PO4 D . 6.79 23.28 25.99
O1 F6P E . 12.94 -9.74 -12.05
C1 F6P E . 11.86 -10.64 -11.83
C2 F6P E . 11.13 -10.01 -10.62
O2 F6P E . 10.95 -8.58 -10.85
C3 F6P E . 9.78 -10.73 -10.38
O3 F6P E . 9.18 -11.33 -11.54
C4 F6P E . 10.30 -11.90 -9.56
O4 F6P E . 9.27 -12.52 -8.85
C5 F6P E . 11.21 -11.14 -8.59
O5 F6P E . 11.94 -10.25 -9.44
C6 F6P E . 12.11 -12.14 -7.87
O6 F6P E . 12.97 -12.81 -8.82
P F6P E . 13.53 -14.19 -8.21
O1P F6P E . 14.28 -14.87 -9.28
O2P F6P E . 12.31 -15.03 -7.67
O3P F6P E . 14.60 -13.89 -7.07
HO1 F6P E . 12.68 -8.84 -11.73
H11 F6P E . 12.20 -11.66 -11.62
H12 F6P E . 11.20 -10.70 -12.71
HO2 F6P E . 10.04 -8.41 -11.20
H3 F6P E . 9.01 -10.06 -9.98
HO3 F6P E . 8.40 -10.77 -11.84
H4 F6P E . 10.78 -12.70 -10.15
HO4 F6P E . 9.21 -13.48 -9.12
H5 F6P E . 10.69 -10.57 -7.81
H61 F6P E . 11.49 -12.89 -7.35
H62 F6P E . 12.71 -11.63 -7.11
P PO4 F . 0.06 -35.03 -2.91
O1 PO4 F . 1.17 -34.61 -1.75
O2 PO4 F . -0.51 -36.54 -2.59
O3 PO4 F . 0.77 -35.00 -4.30
O4 PO4 F . -1.13 -33.91 -2.82
#